data_7UQV
#
_entry.id   7UQV
#
_cell.length_a   172.797
_cell.length_b   172.797
_cell.length_c   116.938
_cell.angle_alpha   90.000
_cell.angle_beta   90.000
_cell.angle_gamma   120.000
#
_symmetry.space_group_name_H-M   'P 31 2 1'
#
_entity_poly.entity_id   1
_entity_poly.type   'polypeptide(L)'
_entity_poly.pdbx_seq_one_letter_code
;MEEKSKGNLVIIGGAEDKKGESKILKKVAEIAGFGDMEFIVLTTATEHPVEVGNEYLNVFQRLGINNIEVLDISTREDAN
NEENYYKIVNSGGVFMTGGDQLRITSILGGTKVFNALIEAYLKGVVIAGTSAGASVMSNTMIVDGNSNDPARKCTLKMAS
GLGLLEEAIIDQHFDQRGRFGRLLCGVAENPHMLGIGIDEDTAIRVYPDAHFEVVGSYAVTIIDGKSIVSSNVSELKPDE
ILAIANVTVHVLPEGYGFDMKRREVLRLHENLYFQ
;
_entity_poly.pdbx_strand_id   A,B,D,C
#
# COMPACT_ATOMS: atom_id res chain seq x y z
N GLY A 7 -13.56 -32.64 -29.10
CA GLY A 7 -14.12 -33.23 -27.89
C GLY A 7 -14.19 -32.38 -26.62
N ASN A 8 -14.67 -33.02 -25.54
CA ASN A 8 -14.93 -32.38 -24.25
C ASN A 8 -13.90 -32.82 -23.21
N LEU A 9 -13.01 -31.90 -22.80
CA LEU A 9 -12.00 -32.23 -21.81
C LEU A 9 -12.16 -31.41 -20.53
N VAL A 10 -11.77 -31.99 -19.40
CA VAL A 10 -11.60 -31.25 -18.15
C VAL A 10 -10.20 -31.54 -17.65
N ILE A 11 -9.33 -30.53 -17.66
CA ILE A 11 -7.91 -30.70 -17.34
C ILE A 11 -7.64 -29.99 -16.01
N ILE A 12 -7.31 -30.78 -14.99
CA ILE A 12 -7.31 -30.34 -13.59
C ILE A 12 -5.87 -30.30 -13.06
N GLY A 13 -5.54 -29.21 -12.36
CA GLY A 13 -4.19 -28.94 -11.88
C GLY A 13 -3.72 -29.72 -10.68
N GLY A 14 -4.54 -30.63 -10.15
CA GLY A 14 -4.08 -31.44 -9.04
C GLY A 14 -4.57 -30.90 -7.69
N ALA A 15 -4.57 -31.79 -6.70
CA ALA A 15 -4.98 -31.46 -5.33
C ALA A 15 -6.35 -30.78 -5.31
N GLU A 16 -7.25 -31.26 -6.15
CA GLU A 16 -8.58 -30.66 -6.21
C GLU A 16 -9.38 -31.05 -4.97
N ASP A 17 -10.40 -30.25 -4.69
CA ASP A 17 -11.22 -30.45 -3.50
C ASP A 17 -11.99 -31.76 -3.62
N LYS A 18 -11.72 -32.69 -2.72
CA LYS A 18 -12.44 -33.96 -2.69
C LYS A 18 -13.32 -34.10 -1.45
N LYS A 19 -13.37 -33.10 -0.58
CA LYS A 19 -14.10 -33.20 0.68
C LYS A 19 -15.19 -32.14 0.86
N GLY A 20 -15.04 -30.96 0.27
CA GLY A 20 -16.03 -29.93 0.48
C GLY A 20 -16.97 -29.78 -0.69
N GLU A 21 -17.10 -28.53 -1.17
CA GLU A 21 -17.98 -28.26 -2.31
C GLU A 21 -17.59 -29.12 -3.51
N SER A 22 -16.28 -29.35 -3.70
CA SER A 22 -15.77 -30.15 -4.81
C SER A 22 -16.30 -29.61 -6.13
N LYS A 23 -16.09 -28.31 -6.33
CA LYS A 23 -16.64 -27.60 -7.48
C LYS A 23 -16.16 -28.21 -8.80
N ILE A 24 -14.87 -28.57 -8.89
CA ILE A 24 -14.34 -29.10 -10.14
C ILE A 24 -14.92 -30.49 -10.42
N LEU A 25 -14.88 -31.37 -9.43
CA LEU A 25 -15.41 -32.71 -9.64
C LEU A 25 -16.91 -32.67 -9.88
N LYS A 26 -17.60 -31.69 -9.28
CA LYS A 26 -19.03 -31.49 -9.57
C LYS A 26 -19.25 -31.13 -11.03
N LYS A 27 -18.40 -30.27 -11.58
CA LYS A 27 -18.50 -29.94 -13.00
C LYS A 27 -18.25 -31.18 -13.87
N VAL A 28 -17.27 -32.01 -13.48
CA VAL A 28 -17.02 -33.25 -14.21
C VAL A 28 -18.26 -34.14 -14.18
N ALA A 29 -18.83 -34.34 -12.99
CA ALA A 29 -20.00 -35.20 -12.87
C ALA A 29 -21.16 -34.65 -13.69
N GLU A 30 -21.32 -33.34 -13.68
CA GLU A 30 -22.37 -32.70 -14.47
C GLU A 30 -22.19 -32.97 -15.95
N ILE A 31 -20.96 -32.82 -16.45
CA ILE A 31 -20.75 -33.04 -17.88
C ILE A 31 -20.98 -34.51 -18.23
N ALA A 32 -20.59 -35.42 -17.34
CA ALA A 32 -20.71 -36.85 -17.60
C ALA A 32 -22.15 -37.35 -17.56
N GLY A 33 -23.09 -36.59 -17.02
CA GLY A 33 -24.47 -37.06 -16.95
C GLY A 33 -24.80 -37.84 -15.70
N PHE A 34 -23.95 -37.79 -14.68
CA PHE A 34 -24.18 -38.41 -13.38
C PHE A 34 -24.36 -39.93 -13.44
N GLY A 35 -23.84 -40.58 -14.47
CA GLY A 35 -23.83 -42.03 -14.46
C GLY A 35 -24.79 -42.69 -15.42
N ASP A 36 -25.53 -41.91 -16.23
CA ASP A 36 -26.48 -42.48 -17.15
C ASP A 36 -25.84 -43.63 -17.93
N MET A 37 -24.64 -43.40 -18.44
CA MET A 37 -23.73 -44.45 -18.87
C MET A 37 -22.59 -44.51 -17.87
N GLU A 38 -22.01 -45.71 -17.68
CA GLU A 38 -21.02 -45.90 -16.62
C GLU A 38 -19.93 -44.83 -16.66
N PHE A 39 -19.56 -44.36 -15.48
CA PHE A 39 -18.47 -43.42 -15.28
C PHE A 39 -17.26 -44.22 -14.82
N ILE A 40 -16.09 -43.97 -15.43
CA ILE A 40 -14.90 -44.78 -15.21
C ILE A 40 -13.81 -43.94 -14.58
N VAL A 41 -13.22 -44.44 -13.50
CA VAL A 41 -12.04 -43.86 -12.88
C VAL A 41 -10.86 -44.77 -13.18
N LEU A 42 -9.81 -44.21 -13.81
CA LEU A 42 -8.63 -44.97 -14.24
C LEU A 42 -7.47 -44.62 -13.33
N THR A 43 -6.94 -45.61 -12.62
CA THR A 43 -5.93 -45.37 -11.60
C THR A 43 -4.53 -45.75 -12.09
N THR A 44 -4.36 -45.93 -13.40
CA THR A 44 -3.09 -46.38 -13.99
C THR A 44 -1.89 -45.60 -13.48
N ALA A 45 -2.04 -44.28 -13.33
CA ALA A 45 -0.89 -43.43 -13.02
C ALA A 45 -0.26 -43.72 -11.67
N THR A 46 -1.01 -44.31 -10.74
CA THR A 46 -0.56 -44.35 -9.36
C THR A 46 -0.20 -45.77 -8.95
N GLU A 47 0.73 -45.84 -7.99
CA GLU A 47 1.13 -47.07 -7.32
C GLU A 47 0.26 -47.34 -6.10
N HIS A 48 -0.75 -46.51 -5.85
CA HIS A 48 -1.69 -46.68 -4.76
C HIS A 48 -3.12 -46.70 -5.31
N PRO A 49 -3.41 -47.59 -6.27
CA PRO A 49 -4.70 -47.51 -6.98
C PRO A 49 -5.91 -47.84 -6.14
N VAL A 50 -5.76 -48.55 -5.02
CA VAL A 50 -6.93 -48.91 -4.23
C VAL A 50 -7.38 -47.72 -3.38
N GLU A 51 -6.45 -47.14 -2.62
CA GLU A 51 -6.75 -45.92 -1.87
C GLU A 51 -7.30 -44.83 -2.79
N VAL A 52 -6.56 -44.51 -3.86
CA VAL A 52 -6.96 -43.43 -4.76
C VAL A 52 -8.30 -43.75 -5.42
N GLY A 53 -8.44 -44.99 -5.89
CA GLY A 53 -9.68 -45.37 -6.52
C GLY A 53 -10.85 -45.24 -5.57
N ASN A 54 -10.63 -45.61 -4.30
CA ASN A 54 -11.71 -45.54 -3.33
C ASN A 54 -12.08 -44.10 -3.00
N GLU A 55 -11.08 -43.21 -2.89
CA GLU A 55 -11.37 -41.82 -2.60
C GLU A 55 -12.18 -41.17 -3.73
N TYR A 56 -11.78 -41.41 -4.98
CA TYR A 56 -12.54 -40.84 -6.09
C TYR A 56 -13.91 -41.49 -6.20
N LEU A 57 -13.99 -42.77 -5.82
CA LEU A 57 -15.24 -43.50 -5.84
C LEU A 57 -16.23 -42.85 -4.88
N ASN A 58 -15.76 -42.56 -3.68
CA ASN A 58 -16.60 -41.94 -2.66
C ASN A 58 -17.02 -40.52 -3.03
N VAL A 59 -16.08 -39.73 -3.58
CA VAL A 59 -16.43 -38.35 -3.92
C VAL A 59 -17.48 -38.34 -5.03
N PHE A 60 -17.29 -39.17 -6.06
CA PHE A 60 -18.24 -39.16 -7.17
C PHE A 60 -19.58 -39.75 -6.74
N GLN A 61 -19.60 -40.68 -5.78
CA GLN A 61 -20.91 -41.11 -5.26
C GLN A 61 -21.58 -39.97 -4.51
N ARG A 62 -20.83 -39.30 -3.64
CA ARG A 62 -21.34 -38.14 -2.92
C ARG A 62 -21.87 -37.05 -3.85
N LEU A 63 -21.28 -36.90 -5.03
CA LEU A 63 -21.76 -35.90 -5.98
C LEU A 63 -22.90 -36.41 -6.85
N GLY A 64 -23.35 -37.65 -6.66
CA GLY A 64 -24.53 -38.11 -7.36
C GLY A 64 -24.32 -39.07 -8.52
N ILE A 65 -23.11 -39.60 -8.73
CA ILE A 65 -22.89 -40.61 -9.76
C ILE A 65 -22.97 -41.96 -9.08
N ASN A 66 -23.92 -42.78 -9.52
CA ASN A 66 -24.11 -44.12 -8.96
C ASN A 66 -23.52 -45.22 -9.82
N ASN A 67 -23.46 -45.04 -11.14
CA ASN A 67 -22.95 -46.05 -12.05
C ASN A 67 -21.47 -45.75 -12.28
N ILE A 68 -20.64 -46.26 -11.36
CA ILE A 68 -19.23 -45.94 -11.31
C ILE A 68 -18.42 -47.23 -11.28
N GLU A 69 -17.36 -47.28 -12.08
CA GLU A 69 -16.42 -48.37 -11.97
C GLU A 69 -15.00 -47.81 -11.97
N VAL A 70 -14.18 -48.36 -11.08
CA VAL A 70 -12.78 -48.03 -11.01
C VAL A 70 -12.02 -49.15 -11.70
N LEU A 71 -11.26 -48.81 -12.74
CA LEU A 71 -10.47 -49.78 -13.49
C LEU A 71 -9.02 -49.69 -13.03
N ASP A 72 -8.55 -50.76 -12.40
CA ASP A 72 -7.15 -50.83 -12.01
C ASP A 72 -6.38 -51.41 -13.18
N ILE A 73 -6.06 -50.54 -14.15
CA ILE A 73 -5.28 -50.92 -15.31
C ILE A 73 -3.82 -50.60 -15.00
N SER A 74 -3.10 -51.62 -14.53
CA SER A 74 -1.74 -51.48 -14.02
C SER A 74 -0.69 -52.24 -14.85
N THR A 75 -1.10 -53.06 -15.81
CA THR A 75 -0.19 -53.75 -16.70
C THR A 75 -0.65 -53.55 -18.14
N ARG A 76 0.27 -53.75 -19.07
CA ARG A 76 -0.12 -53.63 -20.47
C ARG A 76 -1.06 -54.76 -20.86
N GLU A 77 -0.99 -55.88 -20.15
CA GLU A 77 -1.96 -56.95 -20.34
C GLU A 77 -3.36 -56.46 -20.06
N ASP A 78 -3.54 -55.80 -18.90
CA ASP A 78 -4.83 -55.21 -18.57
C ASP A 78 -5.24 -54.21 -19.63
N ALA A 79 -4.28 -53.40 -20.10
CA ALA A 79 -4.59 -52.37 -21.07
C ALA A 79 -4.99 -52.95 -22.41
N ASN A 80 -4.70 -54.23 -22.65
CA ASN A 80 -5.13 -54.89 -23.87
C ASN A 80 -6.28 -55.87 -23.64
N ASN A 81 -6.90 -55.84 -22.47
CA ASN A 81 -8.06 -56.67 -22.19
C ASN A 81 -9.29 -56.03 -22.83
N GLU A 82 -9.92 -56.72 -23.78
CA GLU A 82 -11.01 -56.11 -24.54
C GLU A 82 -12.19 -55.74 -23.64
N GLU A 83 -12.28 -56.36 -22.45
CA GLU A 83 -13.33 -55.95 -21.53
C GLU A 83 -13.20 -54.47 -21.21
N ASN A 84 -11.96 -54.00 -21.00
CA ASN A 84 -11.76 -52.62 -20.61
C ASN A 84 -11.97 -51.70 -21.80
N TYR A 85 -11.60 -52.16 -23.00
CA TYR A 85 -11.93 -51.42 -24.21
C TYR A 85 -13.42 -51.14 -24.27
N TYR A 86 -14.23 -52.18 -24.06
CA TYR A 86 -15.67 -52.00 -24.20
C TYR A 86 -16.26 -51.16 -23.07
N LYS A 87 -15.75 -51.33 -21.85
CA LYS A 87 -16.22 -50.48 -20.75
C LYS A 87 -15.96 -49.01 -21.05
N ILE A 88 -14.79 -48.71 -21.62
CA ILE A 88 -14.45 -47.31 -21.86
C ILE A 88 -15.26 -46.74 -23.03
N VAL A 89 -15.33 -47.46 -24.15
CA VAL A 89 -16.04 -46.86 -25.29
C VAL A 89 -17.54 -46.69 -25.01
N ASN A 90 -18.09 -47.45 -24.05
CA ASN A 90 -19.49 -47.34 -23.69
C ASN A 90 -19.72 -46.50 -22.45
N SER A 91 -18.71 -45.79 -21.98
CA SER A 91 -18.84 -44.99 -20.79
C SER A 91 -19.50 -43.65 -21.09
N GLY A 92 -19.94 -42.98 -20.03
CA GLY A 92 -20.41 -41.61 -20.10
C GLY A 92 -19.34 -40.61 -19.75
N GLY A 93 -18.15 -41.08 -19.37
CA GLY A 93 -17.05 -40.24 -18.97
C GLY A 93 -15.92 -41.03 -18.33
N VAL A 94 -14.70 -40.55 -18.52
CA VAL A 94 -13.50 -41.19 -17.99
C VAL A 94 -12.74 -40.15 -17.19
N PHE A 95 -12.25 -40.54 -16.01
CA PHE A 95 -11.47 -39.67 -15.15
C PHE A 95 -10.13 -40.33 -14.83
N MET A 96 -9.03 -39.71 -15.26
CA MET A 96 -7.72 -40.27 -15.01
C MET A 96 -7.10 -39.63 -13.77
N THR A 97 -6.74 -40.45 -12.79
CA THR A 97 -6.21 -39.93 -11.54
C THR A 97 -4.74 -39.55 -11.72
N GLY A 98 -4.17 -38.93 -10.69
CA GLY A 98 -2.78 -38.53 -10.69
C GLY A 98 -1.83 -39.68 -10.42
N GLY A 99 -0.52 -39.34 -10.34
CA GLY A 99 0.55 -40.31 -10.29
C GLY A 99 1.78 -39.86 -11.07
N ASP A 100 2.37 -40.74 -11.89
CA ASP A 100 3.48 -40.42 -12.78
C ASP A 100 2.99 -40.42 -14.22
N GLN A 101 3.33 -39.36 -14.98
CA GLN A 101 2.88 -39.30 -16.38
C GLN A 101 3.39 -40.49 -17.19
N LEU A 102 4.66 -40.88 -16.97
CA LEU A 102 5.21 -41.95 -17.80
C LEU A 102 4.61 -43.30 -17.46
N ARG A 103 4.03 -43.46 -16.28
CA ARG A 103 3.34 -44.71 -16.04
C ARG A 103 2.11 -44.78 -16.93
N ILE A 104 1.41 -43.65 -17.09
CA ILE A 104 0.24 -43.67 -17.95
C ILE A 104 0.63 -44.00 -19.38
N THR A 105 1.67 -43.32 -19.91
CA THR A 105 1.97 -43.55 -21.32
C THR A 105 2.60 -44.91 -21.54
N SER A 106 3.50 -45.34 -20.66
CA SER A 106 4.17 -46.62 -20.84
C SER A 106 3.20 -47.79 -20.68
N ILE A 107 2.12 -47.63 -19.93
CA ILE A 107 1.18 -48.73 -19.77
C ILE A 107 0.05 -48.65 -20.78
N LEU A 108 -0.42 -47.46 -21.13
CA LEU A 108 -1.55 -47.33 -22.03
C LEU A 108 -1.18 -47.08 -23.48
N GLY A 109 0.00 -46.55 -23.77
CA GLY A 109 0.34 -46.27 -25.15
C GLY A 109 0.35 -47.51 -25.99
N GLY A 110 -0.26 -47.47 -27.17
CA GLY A 110 -0.23 -48.65 -28.01
C GLY A 110 -1.15 -49.77 -27.58
N THR A 111 -2.06 -49.53 -26.65
CA THR A 111 -2.95 -50.58 -26.16
C THR A 111 -4.38 -50.29 -26.59
N LYS A 112 -5.24 -51.30 -26.38
CA LYS A 112 -6.65 -51.14 -26.72
C LYS A 112 -7.31 -50.07 -25.87
N VAL A 113 -6.94 -49.97 -24.59
CA VAL A 113 -7.54 -48.96 -23.71
C VAL A 113 -7.29 -47.56 -24.27
N PHE A 114 -6.08 -47.30 -24.76
CA PHE A 114 -5.73 -46.02 -25.37
C PHE A 114 -6.68 -45.70 -26.52
N ASN A 115 -6.90 -46.69 -27.40
CA ASN A 115 -7.83 -46.49 -28.51
C ASN A 115 -9.24 -46.27 -28.03
N ALA A 116 -9.61 -46.92 -26.93
CA ALA A 116 -10.94 -46.71 -26.37
C ALA A 116 -11.09 -45.28 -25.89
N LEU A 117 -10.05 -44.74 -25.24
CA LEU A 117 -10.11 -43.35 -24.79
C LEU A 117 -10.26 -42.41 -25.96
N ILE A 118 -9.50 -42.66 -27.03
CA ILE A 118 -9.58 -41.79 -28.19
C ILE A 118 -10.95 -41.88 -28.87
N GLU A 119 -11.49 -43.09 -29.01
CA GLU A 119 -12.82 -43.24 -29.59
C GLU A 119 -13.87 -42.54 -28.75
N ALA A 120 -13.86 -42.79 -27.44
CA ALA A 120 -14.78 -42.11 -26.54
C ALA A 120 -14.67 -40.60 -26.68
N TYR A 121 -13.44 -40.09 -26.70
CA TYR A 121 -13.23 -38.65 -26.83
C TYR A 121 -13.87 -38.11 -28.08
N LEU A 122 -13.64 -38.80 -29.21
CA LEU A 122 -14.18 -38.36 -30.49
C LEU A 122 -15.70 -38.44 -30.54
N LYS A 123 -16.32 -39.31 -29.73
CA LYS A 123 -17.79 -39.34 -29.69
C LYS A 123 -18.37 -38.28 -28.77
N GLY A 124 -17.54 -37.50 -28.09
CA GLY A 124 -18.06 -36.50 -27.17
C GLY A 124 -18.10 -36.92 -25.72
N VAL A 125 -17.50 -38.06 -25.38
CA VAL A 125 -17.40 -38.48 -23.99
C VAL A 125 -16.40 -37.59 -23.27
N VAL A 126 -16.76 -37.09 -22.09
CA VAL A 126 -15.85 -36.22 -21.38
C VAL A 126 -14.68 -37.05 -20.86
N ILE A 127 -13.48 -36.60 -21.16
CA ILE A 127 -12.26 -37.15 -20.61
C ILE A 127 -11.75 -36.09 -19.65
N ALA A 128 -11.55 -36.49 -18.40
CA ALA A 128 -11.03 -35.61 -17.37
C ALA A 128 -9.77 -36.23 -16.80
N GLY A 129 -8.89 -35.40 -16.26
CA GLY A 129 -7.73 -35.94 -15.59
C GLY A 129 -7.11 -34.87 -14.72
N THR A 130 -6.42 -35.31 -13.67
CA THR A 130 -5.84 -34.38 -12.72
C THR A 130 -4.38 -34.74 -12.51
N SER A 131 -3.55 -33.72 -12.33
CA SER A 131 -2.13 -33.92 -12.09
C SER A 131 -1.49 -34.65 -13.28
N ALA A 132 -0.98 -35.87 -13.07
CA ALA A 132 -0.41 -36.61 -14.20
C ALA A 132 -1.43 -36.84 -15.31
N GLY A 133 -2.67 -37.12 -14.91
CA GLY A 133 -3.76 -37.34 -15.86
C GLY A 133 -4.11 -36.11 -16.66
N ALA A 134 -3.62 -34.95 -16.24
CA ALA A 134 -3.74 -33.72 -17.01
C ALA A 134 -2.56 -33.55 -17.96
N SER A 135 -1.36 -33.81 -17.45
CA SER A 135 -0.16 -33.65 -18.26
C SER A 135 -0.21 -34.50 -19.51
N VAL A 136 -0.76 -35.72 -19.38
CA VAL A 136 -0.73 -36.65 -20.51
C VAL A 136 -1.68 -36.22 -21.62
N MET A 137 -2.48 -35.19 -21.42
CA MET A 137 -3.44 -34.91 -22.49
C MET A 137 -2.84 -34.18 -23.67
N SER A 138 -1.66 -33.59 -23.51
CA SER A 138 -1.02 -32.91 -24.62
C SER A 138 -0.25 -33.88 -25.51
N ASN A 139 0.10 -33.44 -26.73
CA ASN A 139 0.92 -34.27 -27.61
C ASN A 139 2.29 -34.51 -27.01
N THR A 140 2.90 -33.45 -26.48
CA THR A 140 4.18 -33.56 -25.84
C THR A 140 3.99 -32.96 -24.47
N MET A 141 4.37 -33.72 -23.45
CA MET A 141 4.09 -33.42 -22.06
C MET A 141 5.40 -33.25 -21.31
N ILE A 142 5.32 -32.52 -20.21
CA ILE A 142 6.46 -32.33 -19.32
C ILE A 142 6.50 -33.48 -18.31
N VAL A 143 7.69 -34.01 -18.07
CA VAL A 143 7.88 -35.11 -17.14
C VAL A 143 8.53 -34.57 -15.87
N ASP A 144 7.99 -34.98 -14.73
CA ASP A 144 8.48 -34.51 -13.43
C ASP A 144 9.73 -35.28 -12.98
N ASN A 148 14.34 -32.33 -10.70
CA ASN A 148 15.43 -31.52 -11.23
C ASN A 148 14.88 -30.28 -11.95
N ASP A 149 14.84 -29.13 -11.24
CA ASP A 149 14.30 -27.88 -11.79
C ASP A 149 14.99 -26.62 -11.24
N PRO A 150 16.29 -26.43 -11.47
CA PRO A 150 16.96 -25.23 -10.95
C PRO A 150 16.42 -23.98 -11.60
N ALA A 151 16.29 -22.92 -10.80
CA ALA A 151 15.69 -21.68 -11.27
C ALA A 151 16.53 -21.04 -12.36
N ARG A 152 15.85 -20.47 -13.36
CA ARG A 152 16.38 -19.70 -14.49
C ARG A 152 17.14 -20.54 -15.52
N LYS A 153 17.16 -21.87 -15.37
CA LYS A 153 17.83 -22.78 -16.29
C LYS A 153 16.82 -23.76 -16.88
N CYS A 154 17.20 -24.43 -17.97
CA CYS A 154 16.36 -25.46 -18.58
C CYS A 154 17.00 -26.83 -18.33
N THR A 155 16.35 -27.60 -17.47
CA THR A 155 16.66 -29.00 -17.16
C THR A 155 15.41 -29.82 -17.44
N LEU A 156 14.75 -29.46 -18.54
CA LEU A 156 13.43 -29.94 -18.88
C LEU A 156 13.51 -31.29 -19.58
N LYS A 157 12.66 -32.23 -19.15
CA LYS A 157 12.47 -33.49 -19.86
C LYS A 157 11.05 -33.58 -20.34
N MET A 158 10.86 -33.89 -21.62
CA MET A 158 9.53 -34.00 -22.17
C MET A 158 9.41 -35.38 -22.79
N ALA A 159 8.16 -35.77 -23.05
CA ALA A 159 7.88 -37.08 -23.62
C ALA A 159 6.59 -37.00 -24.39
N SER A 160 6.32 -37.99 -25.23
CA SER A 160 5.07 -38.00 -25.96
C SER A 160 3.93 -38.37 -25.04
N GLY A 161 2.78 -37.69 -25.22
CA GLY A 161 1.59 -37.94 -24.46
C GLY A 161 0.48 -38.54 -25.30
N LEU A 162 -0.76 -38.41 -24.78
CA LEU A 162 -1.95 -38.93 -25.44
C LEU A 162 -2.44 -38.04 -26.57
N GLY A 163 -2.15 -36.74 -26.51
CA GLY A 163 -2.50 -35.90 -27.63
C GLY A 163 -3.97 -35.62 -27.79
N LEU A 164 -4.69 -35.54 -26.68
CA LEU A 164 -6.10 -35.16 -26.77
C LEU A 164 -6.24 -33.67 -27.03
N LEU A 165 -5.28 -32.88 -26.60
CA LEU A 165 -5.21 -31.44 -26.81
C LEU A 165 -4.00 -31.17 -27.71
N GLU A 166 -4.25 -30.76 -28.95
CA GLU A 166 -3.22 -30.92 -29.98
C GLU A 166 -2.08 -29.91 -29.84
N GLU A 167 -2.37 -28.64 -29.54
CA GLU A 167 -1.26 -27.69 -29.66
C GLU A 167 -0.93 -26.98 -28.36
N ALA A 168 -0.76 -27.74 -27.30
CA ALA A 168 -0.52 -27.17 -26.00
C ALA A 168 0.40 -28.06 -25.21
N ILE A 169 1.15 -27.45 -24.29
CA ILE A 169 1.91 -28.17 -23.28
C ILE A 169 1.23 -27.87 -21.96
N ILE A 170 0.81 -28.91 -21.25
CA ILE A 170 0.09 -28.74 -19.99
C ILE A 170 1.04 -28.96 -18.83
N ASP A 171 1.09 -28.01 -17.91
CA ASP A 171 1.79 -28.17 -16.64
C ASP A 171 0.79 -27.91 -15.51
N GLN A 172 0.97 -28.61 -14.41
CA GLN A 172 0.03 -28.63 -13.28
C GLN A 172 0.77 -28.20 -12.01
N HIS A 173 0.02 -28.15 -10.89
CA HIS A 173 0.57 -27.74 -9.59
C HIS A 173 1.39 -26.45 -9.71
N PHE A 174 0.86 -25.51 -10.51
CA PHE A 174 1.72 -24.46 -11.04
C PHE A 174 2.21 -23.48 -9.97
N ASP A 175 1.59 -23.46 -8.78
CA ASP A 175 2.12 -22.71 -7.63
C ASP A 175 3.14 -23.57 -6.89
N GLN A 176 4.19 -23.92 -7.64
CA GLN A 176 5.35 -24.65 -7.13
C GLN A 176 6.59 -24.03 -7.75
N ARG A 177 7.65 -23.96 -6.94
CA ARG A 177 8.89 -23.35 -7.39
C ARG A 177 9.37 -24.05 -8.66
N GLY A 178 9.58 -23.27 -9.70
CA GLY A 178 10.16 -23.76 -10.93
C GLY A 178 9.19 -24.11 -12.04
N ARG A 179 7.88 -24.21 -11.77
CA ARG A 179 6.94 -24.61 -12.80
C ARG A 179 6.83 -23.54 -13.88
N PHE A 180 6.80 -22.27 -13.50
CA PHE A 180 6.74 -21.24 -14.53
C PHE A 180 7.99 -21.28 -15.39
N GLY A 181 9.15 -21.43 -14.77
CA GLY A 181 10.39 -21.46 -15.54
C GLY A 181 10.45 -22.62 -16.51
N ARG A 182 10.00 -23.81 -16.08
CA ARG A 182 10.12 -24.93 -17.00
C ARG A 182 9.07 -24.88 -18.10
N LEU A 183 7.85 -24.39 -17.80
CA LEU A 183 6.89 -24.26 -18.89
C LEU A 183 7.36 -23.22 -19.88
N LEU A 184 8.03 -22.18 -19.40
CA LEU A 184 8.61 -21.19 -20.28
C LEU A 184 9.73 -21.80 -21.14
N CYS A 185 10.56 -22.67 -20.54
CA CYS A 185 11.54 -23.40 -21.34
C CYS A 185 10.87 -24.21 -22.44
N GLY A 186 9.79 -24.92 -22.08
CA GLY A 186 9.11 -25.74 -23.06
C GLY A 186 8.56 -24.92 -24.21
N VAL A 187 7.92 -23.79 -23.91
CA VAL A 187 7.38 -22.97 -24.97
C VAL A 187 8.51 -22.39 -25.82
N ALA A 188 9.62 -22.02 -25.19
CA ALA A 188 10.73 -21.50 -25.97
C ALA A 188 11.24 -22.53 -26.95
N GLU A 189 11.27 -23.81 -26.54
CA GLU A 189 11.80 -24.85 -27.42
C GLU A 189 10.98 -24.96 -28.70
N ASN A 190 9.67 -24.77 -28.61
CA ASN A 190 8.82 -24.82 -29.78
C ASN A 190 7.67 -23.86 -29.57
N PRO A 191 7.85 -22.59 -29.93
CA PRO A 191 6.77 -21.60 -29.73
C PRO A 191 5.47 -21.95 -30.42
N HIS A 192 5.44 -23.01 -31.22
CA HIS A 192 4.17 -23.44 -31.79
C HIS A 192 3.20 -23.89 -30.71
N MET A 193 3.73 -24.35 -29.57
CA MET A 193 2.89 -24.91 -28.51
C MET A 193 2.44 -23.83 -27.53
N LEU A 194 1.17 -23.89 -27.15
CA LEU A 194 0.65 -23.00 -26.13
C LEU A 194 0.98 -23.60 -24.77
N GLY A 195 1.58 -22.80 -23.88
CA GLY A 195 1.87 -23.27 -22.54
C GLY A 195 0.66 -22.96 -21.66
N ILE A 196 0.17 -23.98 -20.95
CA ILE A 196 -0.98 -23.87 -20.06
C ILE A 196 -0.56 -24.41 -18.71
N GLY A 197 -0.34 -23.50 -17.73
CA GLY A 197 0.01 -23.90 -16.39
C GLY A 197 -1.20 -23.74 -15.47
N ILE A 198 -1.58 -24.83 -14.82
CA ILE A 198 -2.83 -24.88 -14.07
C ILE A 198 -2.49 -25.02 -12.60
N ASP A 199 -3.04 -24.13 -11.78
CA ASP A 199 -2.82 -24.18 -10.34
C ASP A 199 -3.57 -25.35 -9.72
N GLU A 200 -3.20 -25.69 -8.49
CA GLU A 200 -3.92 -26.70 -7.74
C GLU A 200 -5.37 -26.27 -7.53
N ASP A 201 -6.26 -27.26 -7.45
CA ASP A 201 -7.69 -27.01 -7.26
C ASP A 201 -8.20 -25.99 -8.27
N THR A 202 -7.68 -26.08 -9.48
CA THR A 202 -8.09 -25.25 -10.60
C THR A 202 -8.04 -26.11 -11.85
N ALA A 203 -8.88 -25.78 -12.82
CA ALA A 203 -9.00 -26.61 -13.99
C ALA A 203 -9.45 -25.76 -15.16
N ILE A 204 -9.28 -26.30 -16.36
CA ILE A 204 -9.89 -25.72 -17.55
C ILE A 204 -10.84 -26.74 -18.13
N ARG A 205 -11.97 -26.27 -18.63
CA ARG A 205 -12.92 -27.06 -19.39
C ARG A 205 -12.76 -26.71 -20.85
N VAL A 206 -12.37 -27.68 -21.67
CA VAL A 206 -12.14 -27.47 -23.08
C VAL A 206 -13.36 -27.99 -23.83
N TYR A 207 -13.90 -27.17 -24.71
CA TYR A 207 -15.08 -27.31 -25.55
C TYR A 207 -14.69 -27.70 -26.98
N PRO A 208 -15.60 -28.37 -27.69
CA PRO A 208 -15.31 -28.78 -29.07
C PRO A 208 -14.95 -27.64 -30.01
N ASP A 209 -15.33 -26.40 -29.71
CA ASP A 209 -15.02 -25.29 -30.61
C ASP A 209 -13.66 -24.66 -30.33
N ALA A 210 -12.80 -25.36 -29.57
CA ALA A 210 -11.41 -24.98 -29.31
C ALA A 210 -11.31 -23.71 -28.45
N HIS A 211 -12.22 -23.54 -27.50
CA HIS A 211 -12.05 -22.54 -26.45
C HIS A 211 -12.22 -23.25 -25.12
N PHE A 212 -11.61 -22.71 -24.07
CA PHE A 212 -11.77 -23.30 -22.75
C PHE A 212 -12.16 -22.24 -21.72
N GLU A 213 -12.77 -22.70 -20.64
CA GLU A 213 -13.18 -21.85 -19.51
C GLU A 213 -12.48 -22.31 -18.24
N VAL A 214 -12.05 -21.37 -17.41
CA VAL A 214 -11.37 -21.71 -16.15
C VAL A 214 -12.42 -21.95 -15.07
N VAL A 215 -12.18 -22.97 -14.26
CA VAL A 215 -13.04 -23.41 -13.17
C VAL A 215 -12.19 -23.61 -11.94
N GLY A 216 -12.60 -23.07 -10.79
CA GLY A 216 -11.85 -23.47 -9.63
C GLY A 216 -11.35 -22.31 -8.81
N SER A 217 -10.46 -22.64 -7.86
CA SER A 217 -10.07 -21.73 -6.79
C SER A 217 -8.97 -20.73 -7.16
N TYR A 218 -8.09 -21.04 -8.11
CA TYR A 218 -6.98 -20.11 -8.33
C TYR A 218 -6.87 -19.68 -9.79
N ALA A 219 -5.72 -19.92 -10.44
CA ALA A 219 -5.56 -19.35 -11.77
C ALA A 219 -4.82 -20.28 -12.72
N VAL A 220 -5.01 -19.98 -14.00
CA VAL A 220 -4.34 -20.62 -15.11
C VAL A 220 -3.42 -19.57 -15.73
N THR A 221 -2.13 -19.90 -15.83
CA THR A 221 -1.16 -19.06 -16.52
C THR A 221 -1.04 -19.58 -17.94
N ILE A 222 -1.16 -18.69 -18.92
CA ILE A 222 -1.07 -19.05 -20.32
C ILE A 222 0.16 -18.36 -20.90
N ILE A 223 1.03 -19.14 -21.54
CA ILE A 223 2.24 -18.63 -22.14
C ILE A 223 2.08 -18.80 -23.65
N ASP A 224 2.01 -17.69 -24.36
CA ASP A 224 1.89 -17.65 -25.82
C ASP A 224 3.23 -17.19 -26.38
N GLY A 225 3.93 -18.12 -27.02
CA GLY A 225 5.25 -17.88 -27.56
C GLY A 225 5.28 -17.34 -28.96
N LYS A 226 4.12 -17.23 -29.62
CA LYS A 226 4.13 -16.76 -31.00
C LYS A 226 4.65 -15.33 -31.12
N SER A 227 4.57 -14.54 -30.05
CA SER A 227 5.14 -13.20 -30.05
C SER A 227 6.65 -13.19 -29.86
N ILE A 228 7.27 -14.34 -29.58
CA ILE A 228 8.67 -14.36 -29.20
C ILE A 228 9.52 -13.81 -30.33
N VAL A 229 10.46 -12.95 -29.97
CA VAL A 229 11.39 -12.34 -30.92
C VAL A 229 12.67 -13.15 -31.03
N SER A 230 13.19 -13.64 -29.90
CA SER A 230 14.40 -14.46 -29.90
C SER A 230 14.46 -15.22 -28.60
N SER A 231 15.34 -16.22 -28.57
CA SER A 231 15.70 -16.91 -27.35
C SER A 231 17.03 -17.57 -27.60
N ASN A 232 17.67 -18.00 -26.52
CA ASN A 232 18.93 -18.70 -26.62
C ASN A 232 18.76 -20.18 -26.29
N VAL A 233 17.52 -20.69 -26.39
CA VAL A 233 17.27 -22.04 -25.89
C VAL A 233 18.02 -23.09 -26.70
N SER A 234 18.20 -22.87 -28.02
CA SER A 234 18.88 -23.88 -28.84
C SER A 234 20.39 -23.91 -28.63
N GLU A 235 20.96 -22.88 -28.03
CA GLU A 235 22.40 -22.80 -27.75
C GLU A 235 22.72 -23.10 -26.29
N LEU A 236 21.73 -23.51 -25.52
CA LEU A 236 21.83 -23.43 -24.08
C LEU A 236 22.50 -24.67 -23.51
N LYS A 237 23.45 -24.45 -22.59
CA LYS A 237 24.06 -25.57 -21.87
C LYS A 237 23.37 -25.78 -20.53
N PRO A 238 23.50 -26.97 -19.94
CA PRO A 238 22.65 -27.32 -18.78
C PRO A 238 22.70 -26.34 -17.61
N ASP A 239 23.82 -25.65 -17.42
CA ASP A 239 24.00 -24.73 -16.30
C ASP A 239 23.87 -23.27 -16.71
N GLU A 240 23.43 -22.99 -17.94
CA GLU A 240 23.37 -21.63 -18.45
C GLU A 240 21.96 -21.05 -18.33
N ILE A 241 21.90 -19.73 -18.24
CA ILE A 241 20.66 -19.01 -17.95
C ILE A 241 19.90 -18.76 -19.25
N LEU A 242 18.60 -19.04 -19.22
CA LEU A 242 17.73 -18.83 -20.36
C LEU A 242 17.49 -17.35 -20.64
N ALA A 243 17.61 -16.96 -21.91
CA ALA A 243 17.23 -15.62 -22.38
C ALA A 243 16.04 -15.73 -23.31
N ILE A 244 15.10 -14.80 -23.18
CA ILE A 244 13.92 -14.88 -24.03
C ILE A 244 13.31 -13.49 -24.13
N ALA A 245 12.84 -13.13 -25.32
CA ALA A 245 12.32 -11.79 -25.58
C ALA A 245 10.92 -11.86 -26.17
N ASN A 246 10.00 -11.07 -25.61
CA ASN A 246 8.63 -10.89 -26.09
C ASN A 246 7.76 -12.14 -25.97
N VAL A 247 7.71 -12.69 -24.76
CA VAL A 247 6.73 -13.72 -24.43
C VAL A 247 5.42 -13.07 -24.05
N THR A 248 4.29 -13.61 -24.52
CA THR A 248 2.99 -13.10 -24.10
C THR A 248 2.44 -13.97 -22.97
N VAL A 249 1.96 -13.34 -21.90
CA VAL A 249 1.49 -14.06 -20.72
C VAL A 249 0.09 -13.57 -20.33
N HIS A 250 -0.78 -14.52 -20.01
CA HIS A 250 -2.13 -14.25 -19.48
C HIS A 250 -2.27 -14.98 -18.15
N VAL A 251 -3.04 -14.40 -17.24
CA VAL A 251 -3.39 -15.10 -16.00
C VAL A 251 -4.90 -15.02 -15.87
N LEU A 252 -5.55 -16.19 -15.86
CA LEU A 252 -7.01 -16.28 -15.94
C LEU A 252 -7.56 -17.02 -14.73
N PRO A 253 -8.36 -16.38 -13.91
CA PRO A 253 -9.07 -17.08 -12.83
C PRO A 253 -10.45 -17.54 -13.27
N GLU A 254 -11.20 -18.17 -12.37
CA GLU A 254 -12.55 -18.59 -12.72
C GLU A 254 -13.36 -17.43 -13.28
N GLY A 255 -14.13 -17.73 -14.33
CA GLY A 255 -14.93 -16.75 -15.02
C GLY A 255 -14.32 -16.27 -16.31
N TYR A 256 -13.07 -16.61 -16.56
CA TYR A 256 -12.39 -16.24 -17.79
C TYR A 256 -12.15 -17.47 -18.64
N GLY A 257 -11.90 -17.24 -19.92
CA GLY A 257 -11.65 -18.32 -20.85
C GLY A 257 -10.66 -17.91 -21.93
N PHE A 258 -10.51 -18.75 -22.93
CA PHE A 258 -9.49 -18.53 -23.94
C PHE A 258 -9.92 -19.18 -25.25
N ASP A 259 -9.81 -18.42 -26.34
CA ASP A 259 -10.02 -18.90 -27.70
C ASP A 259 -8.67 -19.37 -28.22
N MET A 260 -8.55 -20.68 -28.44
CA MET A 260 -7.27 -21.24 -28.85
C MET A 260 -7.03 -21.12 -30.35
N LYS A 261 -8.04 -20.78 -31.13
CA LYS A 261 -7.80 -20.62 -32.56
C LYS A 261 -7.18 -19.26 -32.83
N ARG A 262 -7.66 -18.24 -32.14
CA ARG A 262 -7.20 -16.88 -32.26
C ARG A 262 -6.25 -16.48 -31.14
N ARG A 263 -6.14 -17.33 -30.11
CA ARG A 263 -5.32 -17.06 -28.92
C ARG A 263 -5.73 -15.75 -28.24
N GLU A 264 -7.03 -15.60 -27.99
CA GLU A 264 -7.57 -14.41 -27.36
C GLU A 264 -8.21 -14.74 -26.02
N VAL A 265 -8.05 -13.83 -25.06
CA VAL A 265 -8.67 -14.01 -23.74
C VAL A 265 -10.12 -13.61 -23.80
N LEU A 266 -10.98 -14.40 -23.16
CA LEU A 266 -12.42 -14.19 -23.13
C LEU A 266 -12.86 -13.88 -21.72
N ARG A 267 -13.82 -12.95 -21.58
CA ARG A 267 -14.51 -12.73 -20.32
C ARG A 267 -15.92 -13.33 -20.44
N LEU A 268 -16.28 -14.17 -19.48
CA LEU A 268 -17.57 -14.84 -19.52
C LEU A 268 -18.41 -14.49 -18.29
N GLY B 7 23.98 10.34 -15.49
CA GLY B 7 22.96 9.46 -14.94
C GLY B 7 23.31 7.97 -14.93
N ASN B 8 24.23 7.57 -14.04
CA ASN B 8 24.77 6.21 -13.98
C ASN B 8 24.26 5.45 -12.76
N LEU B 9 23.43 4.44 -12.99
CA LEU B 9 22.92 3.64 -11.88
C LEU B 9 23.42 2.19 -11.99
N VAL B 10 23.65 1.56 -10.84
CA VAL B 10 23.84 0.12 -10.76
C VAL B 10 22.85 -0.39 -9.74
N ILE B 11 21.86 -1.15 -10.21
CA ILE B 11 20.73 -1.58 -9.39
C ILE B 11 20.85 -3.09 -9.19
N ILE B 12 21.09 -3.51 -7.95
CA ILE B 12 21.53 -4.86 -7.62
C ILE B 12 20.42 -5.60 -6.86
N GLY B 13 20.16 -6.84 -7.25
CA GLY B 13 19.08 -7.65 -6.71
C GLY B 13 19.27 -8.21 -5.31
N GLY B 14 20.39 -7.94 -4.65
CA GLY B 14 20.59 -8.39 -3.29
C GLY B 14 21.43 -9.66 -3.21
N ALA B 15 22.02 -9.86 -2.03
CA ALA B 15 22.86 -11.03 -1.77
C ALA B 15 23.95 -11.19 -2.83
N GLU B 16 24.55 -10.08 -3.24
CA GLU B 16 25.57 -10.15 -4.26
C GLU B 16 26.84 -10.77 -3.68
N ASP B 17 27.65 -11.30 -4.58
CA ASP B 17 28.87 -12.00 -4.22
C ASP B 17 29.84 -11.05 -3.56
N LYS B 18 30.18 -11.31 -2.31
CA LYS B 18 31.15 -10.49 -1.58
C LYS B 18 32.42 -11.24 -1.24
N LYS B 19 32.53 -12.50 -1.61
CA LYS B 19 33.63 -13.36 -1.20
C LYS B 19 34.51 -13.83 -2.36
N GLY B 20 33.95 -14.02 -3.55
CA GLY B 20 34.66 -14.60 -4.67
C GLY B 20 35.00 -13.60 -5.76
N GLU B 21 34.62 -13.93 -7.01
CA GLU B 21 34.90 -13.06 -8.14
C GLU B 21 34.33 -11.66 -7.92
N SER B 22 33.13 -11.56 -7.33
CA SER B 22 32.48 -10.28 -7.03
C SER B 22 32.32 -9.43 -8.28
N LYS B 23 31.72 -10.01 -9.33
CA LYS B 23 31.59 -9.32 -10.60
C LYS B 23 30.83 -8.00 -10.47
N ILE B 24 29.70 -8.01 -9.75
CA ILE B 24 28.86 -6.79 -9.69
C ILE B 24 29.57 -5.68 -8.94
N LEU B 25 30.08 -6.00 -7.74
CA LEU B 25 30.78 -4.98 -6.99
C LEU B 25 32.04 -4.51 -7.71
N LYS B 26 32.69 -5.39 -8.48
CA LYS B 26 33.84 -4.95 -9.28
C LYS B 26 33.40 -3.97 -10.36
N LYS B 27 32.25 -4.21 -10.97
CA LYS B 27 31.74 -3.24 -11.95
C LYS B 27 31.43 -1.90 -11.29
N VAL B 28 30.89 -1.93 -10.07
CA VAL B 28 30.66 -0.68 -9.35
C VAL B 28 31.98 0.04 -9.14
N ALA B 29 33.01 -0.71 -8.75
CA ALA B 29 34.33 -0.12 -8.53
C ALA B 29 34.87 0.51 -9.81
N GLU B 30 34.71 -0.18 -10.95
CA GLU B 30 35.23 0.37 -12.21
C GLU B 30 34.56 1.70 -12.53
N ILE B 31 33.24 1.73 -12.43
CA ILE B 31 32.52 2.95 -12.79
C ILE B 31 32.90 4.09 -11.84
N ALA B 32 33.12 3.76 -10.57
CA ALA B 32 33.43 4.79 -9.58
C ALA B 32 34.81 5.41 -9.76
N GLY B 33 35.70 4.78 -10.52
CA GLY B 33 37.03 5.33 -10.70
C GLY B 33 38.03 4.87 -9.66
N PHE B 34 37.69 3.84 -8.88
CA PHE B 34 38.56 3.25 -7.87
C PHE B 34 38.96 4.25 -6.78
N GLY B 35 38.08 5.21 -6.50
CA GLY B 35 38.26 6.08 -5.36
C GLY B 35 39.21 7.23 -5.54
N ASP B 36 39.48 7.65 -6.79
CA ASP B 36 40.15 8.92 -7.00
C ASP B 36 39.42 10.04 -6.27
N MET B 37 38.10 10.07 -6.41
CA MET B 37 37.20 10.80 -5.51
C MET B 37 36.59 9.81 -4.51
N GLU B 38 36.30 10.29 -3.30
CA GLU B 38 35.83 9.40 -2.24
C GLU B 38 34.64 8.57 -2.67
N PHE B 39 34.68 7.30 -2.32
CA PHE B 39 33.58 6.37 -2.55
C PHE B 39 32.82 6.21 -1.25
N ILE B 40 31.51 6.34 -1.28
CA ILE B 40 30.72 6.40 -0.06
C ILE B 40 29.81 5.18 0.02
N VAL B 41 29.85 4.51 1.16
CA VAL B 41 28.95 3.42 1.48
C VAL B 41 27.93 3.99 2.45
N LEU B 42 26.65 3.94 2.09
CA LEU B 42 25.59 4.56 2.87
C LEU B 42 24.76 3.45 3.49
N THR B 43 24.75 3.40 4.83
CA THR B 43 24.18 2.27 5.56
C THR B 43 22.82 2.57 6.17
N THR B 44 22.19 3.68 5.77
CA THR B 44 20.93 4.09 6.37
C THR B 44 19.89 2.98 6.39
N ALA B 45 19.87 2.13 5.37
CA ALA B 45 18.78 1.17 5.26
C ALA B 45 18.79 0.13 6.38
N THR B 46 19.92 -0.12 7.02
CA THR B 46 20.05 -1.26 7.91
C THR B 46 20.20 -0.84 9.37
N GLU B 47 19.79 -1.73 10.26
CA GLU B 47 20.00 -1.56 11.70
C GLU B 47 21.33 -2.14 12.16
N HIS B 48 22.16 -2.65 11.24
CA HIS B 48 23.47 -3.19 11.56
C HIS B 48 24.54 -2.45 10.75
N PRO B 49 24.61 -1.12 10.88
CA PRO B 49 25.48 -0.38 9.98
C PRO B 49 26.98 -0.64 10.18
N VAL B 50 27.42 -1.10 11.35
CA VAL B 50 28.85 -1.32 11.53
C VAL B 50 29.28 -2.60 10.85
N GLU B 51 28.59 -3.71 11.14
CA GLU B 51 28.88 -4.96 10.43
C GLU B 51 28.76 -4.78 8.92
N VAL B 52 27.61 -4.28 8.47
CA VAL B 52 27.37 -4.15 7.04
C VAL B 52 28.36 -3.17 6.43
N GLY B 53 28.57 -2.05 7.08
CA GLY B 53 29.53 -1.09 6.57
C GLY B 53 30.93 -1.67 6.47
N ASN B 54 31.35 -2.42 7.51
CA ASN B 54 32.71 -2.97 7.48
C ASN B 54 32.85 -4.03 6.40
N GLU B 55 31.82 -4.85 6.19
CA GLU B 55 31.92 -5.84 5.14
C GLU B 55 32.07 -5.17 3.77
N TYR B 56 31.29 -4.12 3.51
CA TYR B 56 31.45 -3.45 2.22
C TYR B 56 32.78 -2.71 2.15
N LEU B 57 33.28 -2.22 3.28
CA LEU B 57 34.56 -1.53 3.30
C LEU B 57 35.70 -2.48 2.91
N ASN B 58 35.70 -3.67 3.51
CA ASN B 58 36.74 -4.65 3.19
C ASN B 58 36.62 -5.13 1.75
N VAL B 59 35.41 -5.39 1.27
CA VAL B 59 35.28 -5.87 -0.09
C VAL B 59 35.75 -4.80 -1.07
N PHE B 60 35.32 -3.56 -0.90
CA PHE B 60 35.71 -2.55 -1.87
C PHE B 60 37.20 -2.23 -1.80
N GLN B 61 37.84 -2.34 -0.62
CA GLN B 61 39.30 -2.19 -0.63
C GLN B 61 39.96 -3.35 -1.35
N ARG B 62 39.49 -4.58 -1.12
CA ARG B 62 40.03 -5.72 -1.85
C ARG B 62 39.90 -5.51 -3.35
N LEU B 63 38.85 -4.84 -3.79
CA LEU B 63 38.64 -4.61 -5.22
C LEU B 63 39.40 -3.40 -5.74
N GLY B 64 40.15 -2.70 -4.90
CA GLY B 64 40.99 -1.63 -5.38
C GLY B 64 40.53 -0.20 -5.16
N ILE B 65 39.52 0.03 -4.33
CA ILE B 65 39.11 1.39 -4.00
C ILE B 65 39.89 1.78 -2.77
N ASN B 66 40.64 2.87 -2.88
CA ASN B 66 41.50 3.27 -1.78
C ASN B 66 40.82 4.25 -0.85
N ASN B 67 40.04 5.17 -1.42
CA ASN B 67 39.40 6.24 -0.67
C ASN B 67 37.92 5.91 -0.47
N ILE B 68 37.61 5.25 0.65
CA ILE B 68 36.26 4.81 0.98
C ILE B 68 35.86 5.37 2.33
N GLU B 69 34.63 5.86 2.42
CA GLU B 69 34.07 6.24 3.71
C GLU B 69 32.68 5.66 3.84
N VAL B 70 32.38 5.14 5.02
CA VAL B 70 31.06 4.62 5.35
C VAL B 70 30.33 5.68 6.14
N LEU B 71 29.15 6.08 5.66
CA LEU B 71 28.31 7.08 6.33
C LEU B 71 27.20 6.37 7.09
N ASP B 72 27.33 6.38 8.42
CA ASP B 72 26.31 5.86 9.32
C ASP B 72 25.32 7.00 9.59
N ILE B 73 24.42 7.19 8.63
CA ILE B 73 23.37 8.19 8.73
C ILE B 73 22.08 7.52 9.19
N SER B 74 21.77 7.62 10.49
CA SER B 74 20.61 6.93 11.07
C SER B 74 19.52 7.87 11.60
N THR B 75 19.76 9.17 11.65
CA THR B 75 18.75 10.13 12.09
C THR B 75 18.59 11.20 11.03
N ARG B 76 17.45 11.90 11.09
CA ARG B 76 17.23 12.99 10.17
C ARG B 76 18.18 14.15 10.46
N GLU B 77 18.63 14.28 11.71
CA GLU B 77 19.62 15.31 12.03
C GLU B 77 20.90 15.07 11.26
N ASP B 78 21.40 13.82 11.30
CA ASP B 78 22.60 13.47 10.56
C ASP B 78 22.42 13.73 9.07
N ALA B 79 21.22 13.43 8.57
CA ALA B 79 20.92 13.61 7.15
C ALA B 79 20.85 15.07 6.77
N ASN B 80 20.72 15.97 7.74
CA ASN B 80 20.74 17.39 7.44
C ASN B 80 22.06 18.07 7.80
N ASN B 81 23.10 17.30 8.09
CA ASN B 81 24.43 17.83 8.37
C ASN B 81 25.12 18.16 7.05
N GLU B 82 25.55 19.43 6.89
CA GLU B 82 26.17 19.85 5.62
C GLU B 82 27.42 19.04 5.32
N GLU B 83 28.06 18.50 6.35
CA GLU B 83 29.23 17.66 6.17
C GLU B 83 28.89 16.48 5.28
N ASN B 84 27.75 15.85 5.50
CA ASN B 84 27.35 14.69 4.72
C ASN B 84 26.87 15.10 3.32
N TYR B 85 26.24 16.27 3.22
CA TYR B 85 25.89 16.81 1.91
C TYR B 85 27.15 16.90 1.04
N TYR B 86 28.20 17.51 1.57
CA TYR B 86 29.40 17.74 0.77
C TYR B 86 30.14 16.44 0.49
N LYS B 87 30.17 15.52 1.47
CA LYS B 87 30.80 14.24 1.18
C LYS B 87 30.14 13.56 -0.01
N ILE B 88 28.81 13.65 -0.10
CA ILE B 88 28.11 12.95 -1.17
C ILE B 88 28.27 13.67 -2.50
N VAL B 89 28.05 14.98 -2.55
CA VAL B 89 28.10 15.65 -3.85
C VAL B 89 29.51 15.65 -4.44
N ASN B 90 30.54 15.50 -3.62
CA ASN B 90 31.92 15.47 -4.08
C ASN B 90 32.47 14.06 -4.16
N SER B 91 31.62 13.05 -4.09
CA SER B 91 32.06 11.67 -4.12
C SER B 91 32.31 11.20 -5.55
N GLY B 92 33.00 10.07 -5.65
CA GLY B 92 33.16 9.41 -6.91
C GLY B 92 32.14 8.33 -7.11
N GLY B 93 31.27 8.12 -6.12
CA GLY B 93 30.27 7.08 -6.20
C GLY B 93 29.62 6.82 -4.85
N VAL B 94 28.34 6.44 -4.86
CA VAL B 94 27.61 6.18 -3.64
C VAL B 94 27.00 4.78 -3.76
N PHE B 95 27.16 3.98 -2.72
CA PHE B 95 26.60 2.63 -2.67
C PHE B 95 25.67 2.55 -1.47
N MET B 96 24.40 2.32 -1.71
CA MET B 96 23.41 2.22 -0.65
C MET B 96 23.21 0.75 -0.29
N THR B 97 23.47 0.40 0.97
CA THR B 97 23.36 -1.01 1.32
C THR B 97 21.89 -1.42 1.42
N GLY B 98 21.69 -2.71 1.63
CA GLY B 98 20.36 -3.23 1.89
C GLY B 98 19.94 -2.95 3.31
N GLY B 99 18.74 -3.45 3.64
CA GLY B 99 18.06 -3.14 4.87
C GLY B 99 16.57 -3.04 4.62
N ASP B 100 15.92 -2.00 5.14
CA ASP B 100 14.50 -1.72 4.92
C ASP B 100 14.32 -0.46 4.07
N GLN B 101 13.49 -0.53 3.01
CA GLN B 101 13.27 0.63 2.13
C GLN B 101 12.70 1.84 2.86
N LEU B 102 11.74 1.61 3.77
CA LEU B 102 11.12 2.76 4.41
C LEU B 102 12.05 3.41 5.40
N ARG B 103 13.10 2.71 5.84
CA ARG B 103 14.07 3.40 6.66
C ARG B 103 14.82 4.43 5.84
N ILE B 104 15.15 4.08 4.58
CA ILE B 104 15.85 5.03 3.72
C ILE B 104 14.99 6.24 3.47
N THR B 105 13.73 6.00 3.09
CA THR B 105 12.92 7.16 2.71
C THR B 105 12.53 7.99 3.92
N SER B 106 12.15 7.35 5.03
CA SER B 106 11.72 8.11 6.19
C SER B 106 12.87 8.87 6.84
N ILE B 107 14.11 8.42 6.68
CA ILE B 107 15.19 9.16 7.28
C ILE B 107 15.80 10.16 6.31
N LEU B 108 15.87 9.83 5.02
CA LEU B 108 16.55 10.70 4.06
C LEU B 108 15.61 11.59 3.26
N GLY B 109 14.33 11.22 3.14
CA GLY B 109 13.43 12.05 2.34
C GLY B 109 13.33 13.45 2.92
N GLY B 110 13.42 14.45 2.03
CA GLY B 110 13.30 15.80 2.53
C GLY B 110 14.51 16.34 3.24
N THR B 111 15.65 15.65 3.18
CA THR B 111 16.86 16.06 3.85
C THR B 111 17.90 16.52 2.84
N LYS B 112 18.99 17.08 3.38
CA LYS B 112 20.09 17.52 2.52
C LYS B 112 20.72 16.34 1.81
N VAL B 113 20.83 15.19 2.48
CA VAL B 113 21.44 14.00 1.87
C VAL B 113 20.67 13.54 0.63
N PHE B 114 19.35 13.57 0.69
CA PHE B 114 18.53 13.22 -0.46
C PHE B 114 18.89 14.13 -1.65
N ASN B 115 18.97 15.43 -1.38
CA ASN B 115 19.33 16.40 -2.41
C ASN B 115 20.75 16.18 -2.92
N ALA B 116 21.65 15.75 -2.03
CA ALA B 116 23.02 15.46 -2.45
C ALA B 116 23.06 14.24 -3.38
N LEU B 117 22.27 13.21 -3.07
CA LEU B 117 22.24 12.04 -3.94
C LEU B 117 21.72 12.41 -5.32
N ILE B 118 20.68 13.25 -5.35
CA ILE B 118 20.12 13.66 -6.63
C ILE B 118 21.11 14.51 -7.41
N GLU B 119 21.80 15.44 -6.72
CA GLU B 119 22.78 16.26 -7.42
C GLU B 119 23.89 15.42 -8.01
N ALA B 120 24.53 14.60 -7.17
CA ALA B 120 25.60 13.71 -7.64
C ALA B 120 25.14 12.90 -8.84
N TYR B 121 23.93 12.34 -8.77
CA TYR B 121 23.42 11.57 -9.89
C TYR B 121 23.35 12.43 -11.15
N LEU B 122 22.80 13.64 -11.03
CA LEU B 122 22.66 14.51 -12.19
C LEU B 122 24.00 14.94 -12.77
N LYS B 123 25.07 14.91 -11.98
CA LYS B 123 26.43 15.16 -12.47
C LYS B 123 27.12 13.94 -13.04
N GLY B 124 26.50 12.76 -12.99
CA GLY B 124 27.12 11.56 -13.49
C GLY B 124 27.84 10.70 -12.48
N VAL B 125 27.72 11.00 -11.20
CA VAL B 125 28.30 10.12 -10.17
C VAL B 125 27.50 8.83 -10.13
N VAL B 126 28.18 7.70 -10.11
CA VAL B 126 27.47 6.44 -10.08
C VAL B 126 26.76 6.29 -8.74
N ILE B 127 25.47 5.99 -8.79
CA ILE B 127 24.68 5.62 -7.63
C ILE B 127 24.35 4.15 -7.76
N ALA B 128 24.75 3.36 -6.79
CA ALA B 128 24.49 1.93 -6.77
C ALA B 128 23.71 1.60 -5.51
N GLY B 129 22.95 0.53 -5.57
CA GLY B 129 22.27 0.06 -4.39
C GLY B 129 21.82 -1.37 -4.58
N THR B 130 21.69 -2.08 -3.48
CA THR B 130 21.31 -3.49 -3.48
C THR B 130 20.16 -3.71 -2.51
N SER B 131 19.26 -4.60 -2.88
CA SER B 131 18.12 -5.00 -2.05
C SER B 131 17.28 -3.76 -1.77
N ALA B 132 17.15 -3.30 -0.52
CA ALA B 132 16.36 -2.10 -0.28
C ALA B 132 16.95 -0.91 -1.01
N GLY B 133 18.28 -0.84 -1.10
CA GLY B 133 18.92 0.24 -1.83
C GLY B 133 18.63 0.26 -3.31
N ALA B 134 18.14 -0.86 -3.84
CA ALA B 134 17.71 -0.88 -5.23
C ALA B 134 16.24 -0.50 -5.36
N SER B 135 15.42 -1.01 -4.44
CA SER B 135 14.00 -0.70 -4.49
C SER B 135 13.78 0.80 -4.45
N VAL B 136 14.58 1.52 -3.65
CA VAL B 136 14.29 2.94 -3.51
C VAL B 136 14.60 3.75 -4.76
N MET B 137 15.20 3.16 -5.79
CA MET B 137 15.59 3.99 -6.91
C MET B 137 14.44 4.38 -7.82
N SER B 138 13.30 3.69 -7.73
CA SER B 138 12.16 4.04 -8.55
C SER B 138 11.35 5.19 -7.91
N ASN B 139 10.49 5.82 -8.72
CA ASN B 139 9.61 6.85 -8.17
C ASN B 139 8.66 6.25 -7.16
N THR B 140 8.11 5.10 -7.50
CA THR B 140 7.20 4.39 -6.62
C THR B 140 7.78 3.01 -6.43
N MET B 141 7.99 2.64 -5.18
CA MET B 141 8.71 1.44 -4.84
C MET B 141 7.78 0.48 -4.11
N ILE B 142 8.13 -0.80 -4.17
CA ILE B 142 7.41 -1.84 -3.46
C ILE B 142 7.99 -2.00 -2.08
N VAL B 143 7.14 -2.10 -1.07
CA VAL B 143 7.58 -2.24 0.33
C VAL B 143 7.42 -3.69 0.77
N ASP B 144 8.47 -4.23 1.41
CA ASP B 144 8.45 -5.61 1.87
C ASP B 144 7.78 -5.75 3.23
N GLY B 145 6.99 -6.81 3.39
CA GLY B 145 6.35 -7.11 4.66
C GLY B 145 7.00 -8.24 5.45
N ASP B 149 2.49 -11.52 -0.61
CA ASP B 149 2.91 -12.92 -0.56
C ASP B 149 1.88 -13.92 -1.12
N PRO B 150 0.60 -13.85 -0.71
CA PRO B 150 -0.34 -14.90 -1.10
C PRO B 150 -0.43 -15.04 -2.61
N ALA B 151 -0.41 -16.29 -3.06
CA ALA B 151 -0.33 -16.57 -4.49
C ALA B 151 -1.60 -16.11 -5.21
N ARG B 152 -1.39 -15.51 -6.38
CA ARG B 152 -2.42 -15.10 -7.34
C ARG B 152 -3.28 -13.93 -6.86
N LYS B 153 -2.92 -13.31 -5.73
CA LYS B 153 -3.66 -12.20 -5.14
C LYS B 153 -2.77 -10.98 -5.08
N CYS B 154 -3.39 -9.80 -4.94
CA CYS B 154 -2.66 -8.55 -4.80
C CYS B 154 -2.79 -8.05 -3.36
N THR B 155 -1.69 -8.13 -2.63
CA THR B 155 -1.56 -7.59 -1.29
C THR B 155 -0.39 -6.63 -1.29
N LEU B 156 -0.30 -5.89 -2.37
CA LEU B 156 0.86 -5.06 -2.67
C LEU B 156 0.79 -3.75 -1.88
N LYS B 157 1.90 -3.38 -1.25
CA LYS B 157 2.04 -2.06 -0.65
C LYS B 157 3.15 -1.31 -1.36
N MET B 158 2.86 -0.06 -1.77
CA MET B 158 3.85 0.77 -2.43
C MET B 158 4.02 2.09 -1.71
N ALA B 159 5.12 2.77 -2.02
CA ALA B 159 5.49 4.01 -1.36
C ALA B 159 6.36 4.85 -2.28
N SER B 160 6.57 6.11 -1.93
CA SER B 160 7.45 6.96 -2.73
C SER B 160 8.89 6.56 -2.52
N GLY B 161 9.67 6.58 -3.60
CA GLY B 161 11.09 6.33 -3.53
C GLY B 161 11.90 7.58 -3.82
N LEU B 162 13.16 7.37 -4.22
CA LEU B 162 14.01 8.50 -4.61
C LEU B 162 13.73 8.98 -6.02
N GLY B 163 13.27 8.10 -6.90
CA GLY B 163 12.96 8.52 -8.24
C GLY B 163 14.16 8.76 -9.13
N LEU B 164 15.25 8.01 -8.93
CA LEU B 164 16.37 8.14 -9.85
C LEU B 164 16.09 7.46 -11.19
N LEU B 165 15.23 6.45 -11.21
CA LEU B 165 14.79 5.73 -12.41
C LEU B 165 13.30 6.01 -12.58
N GLU B 166 12.96 6.81 -13.60
CA GLU B 166 11.67 7.52 -13.56
C GLU B 166 10.47 6.61 -13.84
N GLU B 167 10.56 5.69 -14.79
CA GLU B 167 9.29 5.03 -15.13
C GLU B 167 9.37 3.53 -14.92
N ALA B 168 9.82 3.12 -13.75
CA ALA B 168 10.05 1.72 -13.50
C ALA B 168 9.70 1.38 -12.06
N ILE B 169 9.30 0.14 -11.85
CA ILE B 169 9.15 -0.42 -10.52
C ILE B 169 10.22 -1.50 -10.40
N ILE B 170 11.08 -1.38 -9.41
CA ILE B 170 12.19 -2.32 -9.20
C ILE B 170 11.80 -3.29 -8.11
N ASP B 171 11.92 -4.58 -8.38
CA ASP B 171 11.75 -5.60 -7.35
C ASP B 171 13.02 -6.44 -7.30
N GLN B 172 13.40 -6.86 -6.11
CA GLN B 172 14.68 -7.49 -5.91
C GLN B 172 14.49 -8.90 -5.33
N HIS B 173 15.59 -9.62 -5.09
CA HIS B 173 15.55 -11.01 -4.61
C HIS B 173 14.52 -11.80 -5.39
N PHE B 174 14.48 -11.57 -6.70
CA PHE B 174 13.27 -11.87 -7.47
C PHE B 174 12.98 -13.36 -7.62
N ASP B 175 13.92 -14.23 -7.30
CA ASP B 175 13.66 -15.67 -7.31
C ASP B 175 13.01 -16.15 -6.03
N GLN B 176 12.31 -15.29 -5.30
CA GLN B 176 11.62 -15.67 -4.09
C GLN B 176 10.14 -15.76 -4.40
N ARG B 177 9.47 -16.68 -3.72
CA ARG B 177 8.09 -16.99 -4.05
C ARG B 177 7.24 -15.74 -3.96
N GLY B 178 6.48 -15.47 -5.02
CA GLY B 178 5.53 -14.39 -5.01
C GLY B 178 6.04 -13.07 -5.54
N ARG B 179 7.36 -12.92 -5.75
CA ARG B 179 7.84 -11.63 -6.25
C ARG B 179 7.31 -11.37 -7.65
N PHE B 180 7.26 -12.41 -8.48
CA PHE B 180 6.71 -12.21 -9.81
C PHE B 180 5.26 -11.78 -9.74
N GLY B 181 4.46 -12.41 -8.86
CA GLY B 181 3.06 -12.05 -8.76
C GLY B 181 2.85 -10.61 -8.28
N ARG B 182 3.63 -10.16 -7.31
CA ARG B 182 3.37 -8.80 -6.85
C ARG B 182 3.88 -7.76 -7.83
N LEU B 183 5.01 -8.02 -8.51
CA LEU B 183 5.45 -7.07 -9.52
C LEU B 183 4.44 -7.01 -10.65
N LEU B 184 3.83 -8.15 -10.97
CA LEU B 184 2.77 -8.15 -11.96
C LEU B 184 1.56 -7.35 -11.47
N CYS B 185 1.21 -7.45 -10.18
CA CYS B 185 0.15 -6.60 -9.64
C CYS B 185 0.48 -5.13 -9.81
N GLY B 186 1.73 -4.75 -9.47
CA GLY B 186 2.11 -3.35 -9.56
C GLY B 186 2.02 -2.84 -10.98
N VAL B 187 2.52 -3.62 -11.95
CA VAL B 187 2.44 -3.20 -13.35
C VAL B 187 0.99 -3.12 -13.78
N ALA B 188 0.16 -4.06 -13.32
CA ALA B 188 -1.27 -4.02 -13.66
C ALA B 188 -1.93 -2.75 -13.17
N GLU B 189 -1.54 -2.29 -11.96
CA GLU B 189 -2.14 -1.08 -11.40
C GLU B 189 -1.84 0.15 -12.27
N ASN B 190 -0.64 0.23 -12.84
CA ASN B 190 -0.28 1.36 -13.70
C ASN B 190 0.66 0.87 -14.78
N PRO B 191 0.12 0.39 -15.91
CA PRO B 191 0.99 -0.13 -16.99
C PRO B 191 1.98 0.88 -17.54
N HIS B 192 1.90 2.13 -17.14
CA HIS B 192 2.91 3.09 -17.57
C HIS B 192 4.27 2.69 -17.04
N MET B 193 4.30 1.98 -15.92
CA MET B 193 5.55 1.64 -15.24
C MET B 193 6.09 0.32 -15.77
N LEU B 194 7.39 0.29 -15.99
CA LEU B 194 8.07 -0.91 -16.42
C LEU B 194 8.42 -1.71 -15.17
N GLY B 195 8.07 -2.98 -15.14
CA GLY B 195 8.42 -3.82 -14.01
C GLY B 195 9.78 -4.42 -14.25
N ILE B 196 10.68 -4.27 -13.28
CA ILE B 196 12.02 -4.81 -13.35
C ILE B 196 12.24 -5.66 -12.12
N GLY B 197 12.25 -7.00 -12.29
CA GLY B 197 12.55 -7.90 -11.21
C GLY B 197 13.95 -8.42 -11.35
N ILE B 198 14.77 -8.22 -10.32
CA ILE B 198 16.20 -8.51 -10.38
C ILE B 198 16.50 -9.67 -9.43
N ASP B 199 17.15 -10.71 -9.96
CA ASP B 199 17.52 -11.86 -9.14
C ASP B 199 18.65 -11.50 -8.18
N GLU B 200 18.86 -12.37 -7.19
CA GLU B 200 20.00 -12.23 -6.29
C GLU B 200 21.31 -12.37 -7.06
N ASP B 201 22.34 -11.65 -6.60
CA ASP B 201 23.65 -11.65 -7.25
C ASP B 201 23.54 -11.34 -8.74
N THR B 202 22.59 -10.46 -9.08
CA THR B 202 22.35 -10.02 -10.44
C THR B 202 22.02 -8.54 -10.37
N ALA B 203 22.32 -7.81 -11.45
CA ALA B 203 22.19 -6.37 -11.43
C ALA B 203 21.90 -5.84 -12.81
N ILE B 204 21.42 -4.61 -12.88
CA ILE B 204 21.39 -3.88 -14.13
C ILE B 204 22.25 -2.63 -13.98
N ARG B 205 22.99 -2.33 -15.03
CA ARG B 205 23.72 -1.09 -15.15
C ARG B 205 22.93 -0.20 -16.09
N VAL B 206 22.46 0.93 -15.57
CA VAL B 206 21.66 1.88 -16.33
C VAL B 206 22.59 3.02 -16.73
N TYR B 207 22.58 3.36 -18.02
CA TYR B 207 23.36 4.34 -18.75
C TYR B 207 22.55 5.60 -19.00
N PRO B 208 23.21 6.75 -19.13
CA PRO B 208 22.48 8.01 -19.36
C PRO B 208 21.59 8.01 -20.59
N ASP B 209 21.81 7.13 -21.57
CA ASP B 209 20.98 7.11 -22.77
C ASP B 209 19.74 6.24 -22.61
N ALA B 210 19.41 5.88 -21.38
CA ALA B 210 18.19 5.12 -21.04
C ALA B 210 18.21 3.70 -21.59
N HIS B 211 19.38 3.05 -21.57
CA HIS B 211 19.43 1.63 -21.81
C HIS B 211 20.17 1.02 -20.63
N PHE B 212 19.90 -0.25 -20.35
CA PHE B 212 20.64 -0.91 -19.28
C PHE B 212 21.12 -2.27 -19.74
N GLU B 213 22.16 -2.75 -19.06
CA GLU B 213 22.80 -4.01 -19.32
C GLU B 213 22.74 -4.90 -18.09
N VAL B 214 22.53 -6.20 -18.27
CA VAL B 214 22.49 -7.13 -17.15
C VAL B 214 23.91 -7.56 -16.81
N VAL B 215 24.22 -7.58 -15.52
CA VAL B 215 25.53 -8.01 -15.00
C VAL B 215 25.25 -9.06 -13.94
N GLY B 216 25.92 -10.22 -14.02
CA GLY B 216 25.76 -11.07 -12.85
C GLY B 216 25.33 -12.49 -13.17
N SER B 217 24.98 -13.22 -12.10
CA SER B 217 24.85 -14.67 -12.16
C SER B 217 23.52 -15.17 -12.70
N TYR B 218 22.43 -14.42 -12.59
CA TYR B 218 21.18 -15.02 -13.04
C TYR B 218 20.45 -14.13 -14.04
N ALA B 219 19.22 -13.74 -13.75
CA ALA B 219 18.43 -13.04 -14.75
C ALA B 219 17.63 -11.88 -14.17
N VAL B 220 17.22 -11.01 -15.09
CA VAL B 220 16.32 -9.90 -14.82
C VAL B 220 15.06 -10.20 -15.60
N THR B 221 13.93 -10.19 -14.91
CA THR B 221 12.63 -10.34 -15.56
C THR B 221 12.06 -8.95 -15.80
N ILE B 222 11.60 -8.70 -17.02
CA ILE B 222 11.05 -7.42 -17.41
C ILE B 222 9.60 -7.62 -17.74
N ILE B 223 8.72 -6.86 -17.10
CA ILE B 223 7.29 -6.92 -17.35
C ILE B 223 6.89 -5.60 -18.00
N ASP B 224 6.51 -5.68 -19.27
CA ASP B 224 6.04 -4.54 -20.04
C ASP B 224 4.52 -4.68 -20.13
N GLY B 225 3.85 -3.75 -19.45
CA GLY B 225 2.40 -3.75 -19.40
C GLY B 225 1.73 -2.99 -20.50
N LYS B 226 2.49 -2.32 -21.37
CA LYS B 226 1.85 -1.51 -22.39
C LYS B 226 1.00 -2.36 -23.34
N SER B 227 1.33 -3.62 -23.49
CA SER B 227 0.55 -4.53 -24.32
C SER B 227 -0.72 -5.01 -23.65
N ILE B 228 -0.93 -4.67 -22.37
CA ILE B 228 -2.06 -5.25 -21.63
C ILE B 228 -3.37 -4.87 -22.29
N VAL B 229 -4.25 -5.85 -22.44
CA VAL B 229 -5.57 -5.63 -23.02
C VAL B 229 -6.61 -5.32 -21.94
N SER B 230 -6.56 -6.03 -20.81
CA SER B 230 -7.46 -5.78 -19.70
C SER B 230 -6.89 -6.40 -18.42
N SER B 231 -7.45 -5.99 -17.29
CA SER B 231 -7.20 -6.63 -16.02
C SER B 231 -8.35 -6.28 -15.10
N ASN B 232 -8.47 -7.01 -14.00
CA ASN B 232 -9.51 -6.75 -13.02
C ASN B 232 -8.94 -6.12 -11.75
N VAL B 233 -7.76 -5.53 -11.84
CA VAL B 233 -7.04 -5.10 -10.65
C VAL B 233 -7.77 -3.98 -9.92
N SER B 234 -8.48 -3.11 -10.64
CA SER B 234 -9.19 -2.02 -9.98
C SER B 234 -10.45 -2.48 -9.24
N GLU B 235 -11.01 -3.62 -9.62
CA GLU B 235 -12.21 -4.17 -9.00
C GLU B 235 -11.89 -5.23 -7.95
N LEU B 236 -10.62 -5.42 -7.64
CA LEU B 236 -10.17 -6.62 -6.96
C LEU B 236 -10.26 -6.41 -5.45
N LYS B 237 -10.82 -7.37 -4.75
CA LYS B 237 -10.84 -7.37 -3.29
C LYS B 237 -9.66 -8.17 -2.77
N PRO B 238 -9.27 -7.99 -1.51
CA PRO B 238 -7.97 -8.54 -1.05
C PRO B 238 -7.79 -10.04 -1.24
N ASP B 239 -8.85 -10.84 -1.20
CA ASP B 239 -8.75 -12.29 -1.32
C ASP B 239 -9.08 -12.80 -2.73
N GLU B 240 -9.23 -11.90 -3.69
CA GLU B 240 -9.67 -12.27 -5.03
C GLU B 240 -8.47 -12.43 -5.96
N ILE B 241 -8.66 -13.27 -6.99
CA ILE B 241 -7.58 -13.67 -7.88
C ILE B 241 -7.41 -12.64 -8.99
N LEU B 242 -6.17 -12.24 -9.24
CA LEU B 242 -5.86 -11.30 -10.29
C LEU B 242 -6.10 -11.89 -11.67
N ALA B 243 -6.75 -11.12 -12.53
CA ALA B 243 -6.91 -11.47 -13.94
C ALA B 243 -6.15 -10.45 -14.79
N ILE B 244 -5.47 -10.92 -15.83
CA ILE B 244 -4.71 -9.98 -16.65
C ILE B 244 -4.49 -10.59 -18.02
N ALA B 245 -4.59 -9.76 -19.05
CA ALA B 245 -4.53 -10.21 -20.42
C ALA B 245 -3.45 -9.46 -21.18
N ASN B 246 -2.60 -10.21 -21.89
CA ASN B 246 -1.58 -9.70 -22.83
C ASN B 246 -0.49 -8.91 -22.15
N VAL B 247 0.11 -9.52 -21.14
CA VAL B 247 1.32 -8.98 -20.53
C VAL B 247 2.51 -9.41 -21.35
N THR B 248 3.45 -8.51 -21.59
CA THR B 248 4.68 -8.86 -22.29
C THR B 248 5.81 -9.09 -21.29
N VAL B 249 6.52 -10.21 -21.41
CA VAL B 249 7.57 -10.57 -20.46
C VAL B 249 8.86 -10.90 -21.18
N HIS B 250 9.97 -10.40 -20.65
CA HIS B 250 11.32 -10.70 -21.12
C HIS B 250 12.11 -11.27 -19.96
N VAL B 251 13.04 -12.20 -20.24
CA VAL B 251 13.96 -12.67 -19.21
C VAL B 251 15.36 -12.60 -19.77
N LEU B 252 16.21 -11.78 -19.15
CA LEU B 252 17.50 -11.40 -19.69
C LEU B 252 18.62 -11.79 -18.74
N PRO B 253 19.54 -12.67 -19.12
CA PRO B 253 20.73 -12.93 -18.31
C PRO B 253 21.86 -11.99 -18.68
N GLU B 254 23.00 -12.16 -18.02
CA GLU B 254 24.17 -11.34 -18.33
C GLU B 254 24.48 -11.37 -19.82
N GLY B 255 24.83 -10.22 -20.36
CA GLY B 255 25.12 -10.11 -21.77
C GLY B 255 23.99 -9.55 -22.59
N TYR B 256 22.82 -9.39 -21.99
CA TYR B 256 21.67 -8.82 -22.63
C TYR B 256 21.36 -7.47 -21.98
N GLY B 257 20.59 -6.67 -22.68
CA GLY B 257 20.23 -5.37 -22.16
C GLY B 257 18.86 -4.98 -22.64
N PHE B 258 18.49 -3.72 -22.39
CA PHE B 258 17.14 -3.28 -22.68
C PHE B 258 17.18 -1.79 -23.00
N ASP B 259 16.46 -1.42 -24.07
CA ASP B 259 16.24 -0.04 -24.48
C ASP B 259 14.92 0.38 -23.84
N MET B 260 15.00 1.29 -22.87
CA MET B 260 13.81 1.69 -22.14
C MET B 260 12.99 2.72 -22.89
N LYS B 261 13.53 3.29 -23.96
CA LYS B 261 12.77 4.26 -24.75
C LYS B 261 11.84 3.56 -25.73
N ARG B 262 12.32 2.48 -26.31
CA ARG B 262 11.55 1.69 -27.26
C ARG B 262 10.95 0.44 -26.64
N ARG B 263 11.33 0.13 -25.39
CA ARG B 263 10.91 -1.10 -24.72
C ARG B 263 11.35 -2.32 -25.54
N GLU B 264 12.63 -2.34 -25.94
CA GLU B 264 13.16 -3.41 -26.77
C GLU B 264 14.34 -4.10 -26.12
N VAL B 265 14.44 -5.43 -26.30
CA VAL B 265 15.57 -6.20 -25.78
C VAL B 265 16.75 -6.04 -26.72
N LEU B 266 17.94 -5.90 -26.15
CA LEU B 266 19.20 -5.78 -26.90
C LEU B 266 20.10 -6.96 -26.58
N ARG B 267 20.83 -7.47 -27.57
CA ARG B 267 21.92 -8.39 -27.29
C ARG B 267 23.26 -7.71 -27.52
N LEU B 268 24.18 -7.89 -26.58
CA LEU B 268 25.42 -7.14 -26.58
C LEU B 268 26.68 -8.02 -26.68
N GLY C 7 2.93 24.53 -16.22
CA GLY C 7 1.90 23.63 -15.71
C GLY C 7 0.69 24.24 -15.00
N ASN C 8 -0.51 24.07 -15.56
CA ASN C 8 -1.75 24.66 -15.06
C ASN C 8 -2.71 23.59 -14.54
N LEU C 9 -2.83 23.45 -13.22
CA LEU C 9 -3.71 22.43 -12.66
C LEU C 9 -4.81 23.01 -11.79
N VAL C 10 -5.97 22.35 -11.75
CA VAL C 10 -7.01 22.63 -10.76
C VAL C 10 -7.33 21.30 -10.07
N ILE C 11 -6.97 21.19 -8.80
CA ILE C 11 -7.06 19.94 -8.07
C ILE C 11 -8.16 20.10 -7.03
N ILE C 12 -9.27 19.35 -7.19
CA ILE C 12 -10.52 19.58 -6.48
C ILE C 12 -10.78 18.44 -5.48
N GLY C 13 -11.19 18.79 -4.27
CA GLY C 13 -11.38 17.84 -3.18
C GLY C 13 -12.63 16.99 -3.26
N GLY C 14 -13.45 17.13 -4.29
CA GLY C 14 -14.60 16.26 -4.38
C GLY C 14 -15.85 16.94 -3.88
N ALA C 15 -17.00 16.42 -4.32
CA ALA C 15 -18.32 16.93 -3.94
C ALA C 15 -18.42 18.45 -4.16
N GLU C 16 -17.84 18.92 -5.26
CA GLU C 16 -17.87 20.34 -5.53
C GLU C 16 -19.27 20.78 -5.94
N ASP C 17 -19.54 22.07 -5.76
CA ASP C 17 -20.85 22.67 -6.03
C ASP C 17 -21.13 22.62 -7.52
N LYS C 18 -22.19 21.91 -7.91
CA LYS C 18 -22.61 21.82 -9.31
C LYS C 18 -23.96 22.47 -9.57
N LYS C 19 -24.56 23.11 -8.56
CA LYS C 19 -25.90 23.68 -8.66
C LYS C 19 -25.95 25.18 -8.41
N GLY C 20 -25.17 25.69 -7.46
CA GLY C 20 -25.22 27.09 -7.13
C GLY C 20 -24.19 27.93 -7.84
N GLU C 21 -23.47 28.75 -7.08
CA GLU C 21 -22.45 29.63 -7.64
C GLU C 21 -21.38 28.87 -8.41
N SER C 22 -20.97 27.70 -7.89
CA SER C 22 -19.95 26.85 -8.51
C SER C 22 -18.63 27.59 -8.73
N LYS C 23 -18.07 28.15 -7.65
CA LYS C 23 -16.83 28.93 -7.76
C LYS C 23 -15.71 28.12 -8.41
N ILE C 24 -15.57 26.85 -8.03
CA ILE C 24 -14.45 26.04 -8.51
C ILE C 24 -14.59 25.74 -10.00
N LEU C 25 -15.78 25.27 -10.41
CA LEU C 25 -15.97 24.99 -11.82
C LEU C 25 -15.97 26.26 -12.66
N LYS C 26 -16.43 27.38 -12.09
CA LYS C 26 -16.31 28.67 -12.76
C LYS C 26 -14.84 29.05 -12.97
N LYS C 27 -13.99 28.77 -11.97
CA LYS C 27 -12.56 29.04 -12.12
C LYS C 27 -11.97 28.17 -13.22
N VAL C 28 -12.40 26.91 -13.30
CA VAL C 28 -11.92 26.03 -14.36
C VAL C 28 -12.30 26.60 -15.72
N ALA C 29 -13.57 27.00 -15.86
CA ALA C 29 -14.03 27.55 -17.13
C ALA C 29 -13.25 28.80 -17.52
N GLU C 30 -13.00 29.68 -16.54
CA GLU C 30 -12.23 30.90 -16.81
C GLU C 30 -10.85 30.57 -17.32
N ILE C 31 -10.20 29.56 -16.71
CA ILE C 31 -8.86 29.19 -17.16
C ILE C 31 -8.90 28.57 -18.57
N ALA C 32 -9.94 27.78 -18.88
CA ALA C 32 -9.99 27.17 -20.21
C ALA C 32 -10.23 28.19 -21.31
N GLY C 33 -10.80 29.35 -20.97
CA GLY C 33 -10.97 30.47 -21.87
C GLY C 33 -12.25 30.59 -22.69
N PHE C 34 -13.28 29.78 -22.43
CA PHE C 34 -14.63 30.01 -23.02
C PHE C 34 -14.67 30.01 -24.56
N GLY C 35 -13.82 29.30 -25.28
CA GLY C 35 -14.05 29.26 -26.70
C GLY C 35 -12.87 28.73 -27.48
N ASP C 36 -13.06 28.69 -28.79
CA ASP C 36 -12.08 28.20 -29.75
C ASP C 36 -11.82 26.71 -29.60
N MET C 37 -11.30 26.30 -28.44
CA MET C 37 -10.80 24.95 -28.26
C MET C 37 -11.75 24.10 -27.43
N GLU C 38 -11.93 22.85 -27.89
CA GLU C 38 -12.85 21.91 -27.24
C GLU C 38 -12.42 21.59 -25.81
N PHE C 39 -13.40 21.54 -24.93
CA PHE C 39 -13.20 21.20 -23.53
C PHE C 39 -13.59 19.74 -23.34
N ILE C 40 -12.75 18.96 -22.66
CA ILE C 40 -12.94 17.52 -22.59
C ILE C 40 -13.26 17.10 -21.17
N VAL C 41 -14.35 16.34 -21.00
CA VAL C 41 -14.70 15.71 -19.73
C VAL C 41 -14.38 14.23 -19.84
N LEU C 42 -13.50 13.75 -18.96
CA LEU C 42 -12.96 12.40 -19.03
C LEU C 42 -13.51 11.58 -17.86
N THR C 43 -14.30 10.55 -18.18
CA THR C 43 -15.07 9.81 -17.19
C THR C 43 -14.48 8.44 -16.86
N THR C 44 -13.23 8.20 -17.27
CA THR C 44 -12.57 6.91 -17.05
C THR C 44 -12.69 6.43 -15.61
N ALA C 45 -12.65 7.34 -14.65
CA ALA C 45 -12.58 6.98 -13.24
C ALA C 45 -13.83 6.26 -12.74
N THR C 46 -14.99 6.48 -13.36
CA THR C 46 -16.24 6.05 -12.76
C THR C 46 -16.93 4.98 -13.58
N GLU C 47 -17.77 4.20 -12.89
CA GLU C 47 -18.63 3.20 -13.50
C GLU C 47 -19.96 3.77 -13.95
N HIS C 48 -20.17 5.07 -13.79
CA HIS C 48 -21.41 5.74 -14.22
C HIS C 48 -21.08 6.89 -15.16
N PRO C 49 -20.40 6.61 -16.27
CA PRO C 49 -19.91 7.72 -17.11
C PRO C 49 -20.99 8.52 -17.78
N VAL C 50 -22.19 7.97 -17.99
CA VAL C 50 -23.22 8.74 -18.69
C VAL C 50 -23.81 9.80 -17.78
N GLU C 51 -24.25 9.38 -16.61
CA GLU C 51 -24.83 10.30 -15.63
C GLU C 51 -23.82 11.38 -15.24
N VAL C 52 -22.60 10.96 -14.89
CA VAL C 52 -21.56 11.89 -14.44
C VAL C 52 -21.13 12.83 -15.58
N GLY C 53 -20.93 12.27 -16.77
CA GLY C 53 -20.59 13.10 -17.91
C GLY C 53 -21.67 14.12 -18.23
N ASN C 54 -22.94 13.72 -18.14
CA ASN C 54 -24.03 14.63 -18.42
C ASN C 54 -24.14 15.73 -17.37
N GLU C 55 -23.94 15.38 -16.10
CA GLU C 55 -24.00 16.40 -15.06
C GLU C 55 -22.91 17.44 -15.26
N TYR C 56 -21.68 17.00 -15.53
CA TYR C 56 -20.63 17.98 -15.76
C TYR C 56 -20.84 18.73 -17.07
N LEU C 57 -21.45 18.08 -18.06
CA LEU C 57 -21.74 18.75 -19.32
C LEU C 57 -22.72 19.89 -19.11
N ASN C 58 -23.78 19.65 -18.32
CA ASN C 58 -24.77 20.69 -18.05
C ASN C 58 -24.14 21.83 -17.25
N VAL C 59 -23.33 21.50 -16.25
CA VAL C 59 -22.74 22.54 -15.42
C VAL C 59 -21.79 23.42 -16.24
N PHE C 60 -20.93 22.80 -17.06
CA PHE C 60 -20.00 23.60 -17.86
C PHE C 60 -20.70 24.39 -18.96
N GLN C 61 -21.83 23.87 -19.50
CA GLN C 61 -22.58 24.69 -20.45
C GLN C 61 -23.17 25.90 -19.76
N ARG C 62 -23.76 25.70 -18.57
CA ARG C 62 -24.30 26.82 -17.81
C ARG C 62 -23.24 27.87 -17.53
N LEU C 63 -21.98 27.47 -17.34
CA LEU C 63 -20.92 28.42 -17.02
C LEU C 63 -20.29 29.06 -18.25
N GLY C 64 -20.74 28.73 -19.45
CA GLY C 64 -20.30 29.43 -20.64
C GLY C 64 -19.37 28.71 -21.57
N ILE C 65 -19.11 27.41 -21.39
CA ILE C 65 -18.31 26.65 -22.34
C ILE C 65 -19.29 25.98 -23.29
N ASN C 66 -19.18 26.29 -24.57
CA ASN C 66 -20.14 25.78 -25.55
C ASN C 66 -19.65 24.55 -26.30
N ASN C 67 -18.34 24.45 -26.53
CA ASN C 67 -17.71 23.35 -27.27
C ASN C 67 -17.15 22.33 -26.27
N ILE C 68 -18.01 21.39 -25.86
CA ILE C 68 -17.67 20.41 -24.83
C ILE C 68 -17.90 19.01 -25.37
N GLU C 69 -16.94 18.12 -25.11
CA GLU C 69 -17.11 16.72 -25.47
C GLU C 69 -16.76 15.84 -24.27
N VAL C 70 -17.58 14.82 -24.05
CA VAL C 70 -17.37 13.85 -22.98
C VAL C 70 -16.79 12.58 -23.59
N LEU C 71 -15.62 12.17 -23.10
CA LEU C 71 -14.94 10.95 -23.56
C LEU C 71 -15.14 9.83 -22.56
N ASP C 72 -15.91 8.82 -22.95
CA ASP C 72 -16.09 7.60 -22.15
C ASP C 72 -14.98 6.62 -22.53
N ILE C 73 -13.79 6.84 -21.97
CA ILE C 73 -12.64 5.97 -22.23
C ILE C 73 -12.61 4.92 -21.12
N SER C 74 -13.12 3.74 -21.41
CA SER C 74 -13.29 2.69 -20.41
C SER C 74 -12.43 1.45 -20.67
N THR C 75 -11.78 1.34 -21.83
CA THR C 75 -10.91 0.21 -22.12
C THR C 75 -9.57 0.75 -22.58
N ARG C 76 -8.54 -0.11 -22.48
CA ARG C 76 -7.22 0.30 -22.95
C ARG C 76 -7.20 0.44 -24.46
N GLU C 77 -8.08 -0.28 -25.17
CA GLU C 77 -8.20 -0.08 -26.61
C GLU C 77 -8.66 1.33 -26.91
N ASP C 78 -9.70 1.80 -26.20
CA ASP C 78 -10.14 3.19 -26.36
C ASP C 78 -8.98 4.14 -26.09
N ALA C 79 -8.21 3.86 -25.03
CA ALA C 79 -7.11 4.73 -24.63
C ALA C 79 -5.98 4.74 -25.64
N ASN C 80 -5.93 3.76 -26.54
CA ASN C 80 -4.89 3.71 -27.58
C ASN C 80 -5.40 4.09 -28.96
N ASN C 81 -6.59 4.65 -29.05
CA ASN C 81 -7.15 5.19 -30.29
C ASN C 81 -6.60 6.60 -30.54
N GLU C 82 -5.93 6.79 -31.69
CA GLU C 82 -5.31 8.09 -31.98
C GLU C 82 -6.33 9.22 -32.04
N GLU C 83 -7.59 8.90 -32.31
CA GLU C 83 -8.63 9.94 -32.31
C GLU C 83 -8.70 10.64 -30.96
N ASN C 84 -8.65 9.87 -29.87
CA ASN C 84 -8.75 10.45 -28.55
C ASN C 84 -7.44 11.14 -28.16
N TYR C 85 -6.32 10.60 -28.64
CA TYR C 85 -5.06 11.31 -28.46
C TYR C 85 -5.18 12.73 -29.01
N TYR C 86 -5.69 12.85 -30.25
CA TYR C 86 -5.75 14.17 -30.86
C TYR C 86 -6.79 15.05 -30.20
N LYS C 87 -7.92 14.48 -29.78
CA LYS C 87 -8.89 15.28 -29.05
C LYS C 87 -8.28 15.89 -27.81
N ILE C 88 -7.46 15.13 -27.09
CA ILE C 88 -6.91 15.64 -25.84
C ILE C 88 -5.77 16.64 -26.08
N VAL C 89 -4.80 16.30 -26.94
CA VAL C 89 -3.68 17.22 -27.13
C VAL C 89 -4.11 18.54 -27.75
N ASN C 90 -5.25 18.57 -28.44
CA ASN C 90 -5.76 19.78 -29.07
C ASN C 90 -6.88 20.43 -28.28
N SER C 91 -7.10 19.99 -27.04
CA SER C 91 -8.19 20.51 -26.24
C SER C 91 -7.81 21.85 -25.61
N GLY C 92 -8.82 22.55 -25.11
CA GLY C 92 -8.61 23.75 -24.33
C GLY C 92 -8.59 23.51 -22.85
N GLY C 93 -8.80 22.27 -22.42
CA GLY C 93 -8.84 21.94 -21.01
C GLY C 93 -9.41 20.54 -20.83
N VAL C 94 -8.94 19.83 -19.80
CA VAL C 94 -9.38 18.48 -19.54
C VAL C 94 -9.87 18.42 -18.11
N PHE C 95 -11.02 17.82 -17.89
CA PHE C 95 -11.57 17.66 -16.55
C PHE C 95 -11.77 16.17 -16.30
N MET C 96 -11.05 15.64 -15.32
CA MET C 96 -11.17 14.24 -14.95
C MET C 96 -12.13 14.11 -13.77
N THR C 97 -13.18 13.32 -13.96
CA THR C 97 -14.20 13.18 -12.93
C THR C 97 -13.73 12.26 -11.81
N GLY C 98 -14.55 12.16 -10.77
CA GLY C 98 -14.28 11.25 -9.67
C GLY C 98 -14.63 9.83 -10.05
N GLY C 99 -14.47 8.94 -9.07
CA GLY C 99 -14.57 7.51 -9.31
C GLY C 99 -13.54 6.73 -8.51
N ASP C 100 -12.83 5.80 -9.16
CA ASP C 100 -11.76 5.02 -8.54
C ASP C 100 -10.41 5.43 -9.14
N GLN C 101 -9.42 5.75 -8.28
CA GLN C 101 -8.11 6.14 -8.78
C GLN C 101 -7.49 5.03 -9.62
N LEU C 102 -7.69 3.77 -9.21
CA LEU C 102 -7.05 2.68 -9.93
C LEU C 102 -7.71 2.41 -11.27
N ARG C 103 -8.96 2.85 -11.48
CA ARG C 103 -9.46 2.73 -12.85
C ARG C 103 -8.71 3.67 -13.77
N ILE C 104 -8.41 4.87 -13.28
CA ILE C 104 -7.70 5.82 -14.13
C ILE C 104 -6.34 5.27 -14.50
N THR C 105 -5.58 4.80 -13.50
CA THR C 105 -4.21 4.40 -13.83
C THR C 105 -4.17 3.09 -14.60
N SER C 106 -5.01 2.11 -14.22
CA SER C 106 -4.98 0.82 -14.89
C SER C 106 -5.49 0.90 -16.32
N ILE C 107 -6.40 1.82 -16.64
CA ILE C 107 -6.89 1.89 -18.02
C ILE C 107 -6.05 2.85 -18.84
N LEU C 108 -5.57 3.95 -18.26
CA LEU C 108 -4.86 4.96 -19.03
C LEU C 108 -3.35 4.85 -18.98
N GLY C 109 -2.77 4.23 -17.95
CA GLY C 109 -1.33 4.16 -17.86
C GLY C 109 -0.72 3.44 -19.05
N GLY C 110 0.35 3.99 -19.61
CA GLY C 110 0.98 3.34 -20.73
C GLY C 110 0.27 3.46 -22.05
N THR C 111 -0.76 4.29 -22.16
CA THR C 111 -1.55 4.45 -23.37
C THR C 111 -1.29 5.80 -24.03
N LYS C 112 -1.87 5.96 -25.22
CA LYS C 112 -1.74 7.22 -25.95
C LYS C 112 -2.44 8.37 -25.23
N VAL C 113 -3.58 8.10 -24.60
CA VAL C 113 -4.34 9.12 -23.87
C VAL C 113 -3.51 9.69 -22.72
N PHE C 114 -2.78 8.82 -22.03
CA PHE C 114 -1.89 9.23 -20.95
C PHE C 114 -0.82 10.19 -21.44
N ASN C 115 -0.20 9.87 -22.58
CA ASN C 115 0.76 10.77 -23.20
C ASN C 115 0.08 12.04 -23.67
N ALA C 116 -1.17 11.94 -24.09
CA ALA C 116 -1.92 13.13 -24.49
C ALA C 116 -2.13 14.06 -23.31
N LEU C 117 -2.46 13.49 -22.14
CA LEU C 117 -2.63 14.31 -20.96
C LEU C 117 -1.32 14.98 -20.60
N ILE C 118 -0.22 14.23 -20.64
CA ILE C 118 1.08 14.81 -20.28
C ILE C 118 1.49 15.89 -21.27
N GLU C 119 1.24 15.69 -22.56
CA GLU C 119 1.65 16.67 -23.54
C GLU C 119 0.78 17.92 -23.48
N ALA C 120 -0.53 17.73 -23.34
CA ALA C 120 -1.43 18.87 -23.09
C ALA C 120 -0.96 19.66 -21.89
N TYR C 121 -0.64 18.98 -20.79
CA TYR C 121 -0.20 19.67 -19.58
C TYR C 121 1.08 20.46 -19.84
N LEU C 122 2.07 19.84 -20.49
CA LEU C 122 3.31 20.55 -20.75
C LEU C 122 3.12 21.72 -21.70
N LYS C 123 2.07 21.72 -22.52
CA LYS C 123 1.81 22.88 -23.37
C LYS C 123 1.06 24.00 -22.64
N GLY C 124 0.65 23.78 -21.40
CA GLY C 124 -0.12 24.76 -20.66
C GLY C 124 -1.62 24.57 -20.68
N VAL C 125 -2.12 23.48 -21.24
CA VAL C 125 -3.55 23.23 -21.21
C VAL C 125 -3.94 22.87 -19.77
N VAL C 126 -5.00 23.49 -19.28
CA VAL C 126 -5.42 23.25 -17.90
C VAL C 126 -5.94 21.83 -17.76
N ILE C 127 -5.38 21.10 -16.80
CA ILE C 127 -5.87 19.79 -16.41
C ILE C 127 -6.47 19.97 -15.03
N ALA C 128 -7.74 19.62 -14.89
CA ALA C 128 -8.44 19.71 -13.64
C ALA C 128 -8.99 18.33 -13.32
N GLY C 129 -9.19 18.06 -12.03
CA GLY C 129 -9.82 16.80 -11.65
C GLY C 129 -10.28 16.85 -10.22
N THR C 130 -11.31 16.04 -9.93
CA THR C 130 -11.95 16.05 -8.62
C THR C 130 -12.02 14.65 -8.05
N SER C 131 -11.87 14.56 -6.72
CA SER C 131 -11.95 13.29 -6.01
C SER C 131 -10.86 12.36 -6.54
N ALA C 132 -11.24 11.26 -7.19
CA ALA C 132 -10.22 10.36 -7.76
C ALA C 132 -9.36 11.05 -8.81
N GLY C 133 -9.98 11.90 -9.64
CA GLY C 133 -9.25 12.62 -10.67
C GLY C 133 -8.26 13.61 -10.10
N ALA C 134 -8.39 13.94 -8.82
CA ALA C 134 -7.41 14.78 -8.16
C ALA C 134 -6.29 13.96 -7.56
N SER C 135 -6.63 12.83 -6.91
CA SER C 135 -5.61 11.98 -6.32
C SER C 135 -4.60 11.55 -7.38
N VAL C 136 -5.07 11.27 -8.60
CA VAL C 136 -4.15 10.70 -9.58
C VAL C 136 -3.13 11.72 -10.08
N MET C 137 -3.23 12.97 -9.67
CA MET C 137 -2.30 13.93 -10.25
C MET C 137 -0.91 13.87 -9.65
N SER C 138 -0.77 13.26 -8.48
CA SER C 138 0.54 13.17 -7.84
C SER C 138 1.35 11.99 -8.38
N ASN C 139 2.67 12.00 -8.13
CA ASN C 139 3.50 10.88 -8.57
C ASN C 139 3.12 9.60 -7.87
N THR C 140 2.87 9.70 -6.56
CA THR C 140 2.40 8.58 -5.78
C THR C 140 1.12 9.04 -5.12
N MET C 141 0.07 8.26 -5.25
CA MET C 141 -1.26 8.62 -4.83
C MET C 141 -1.72 7.66 -3.75
N ILE C 142 -2.68 8.13 -2.97
CA ILE C 142 -3.32 7.34 -1.92
C ILE C 142 -4.52 6.63 -2.51
N VAL C 143 -4.66 5.34 -2.20
CA VAL C 143 -5.77 4.52 -2.68
C VAL C 143 -6.74 4.32 -1.53
N ASP C 144 -8.03 4.47 -1.80
CA ASP C 144 -9.06 4.35 -0.76
C ASP C 144 -9.42 2.89 -0.49
N GLY C 145 -8.45 2.12 -0.05
CA GLY C 145 -8.67 0.71 0.27
C GLY C 145 -9.38 0.55 1.60
N ASN C 148 -12.16 3.26 5.91
CA ASN C 148 -11.60 2.01 6.42
C ASN C 148 -10.22 2.22 7.05
N ASP C 149 -10.01 3.41 7.63
CA ASP C 149 -8.73 3.81 8.21
C ASP C 149 -8.84 3.91 9.73
N PRO C 150 -8.36 2.91 10.48
CA PRO C 150 -8.41 3.01 11.96
C PRO C 150 -7.61 4.20 12.46
N ALA C 151 -8.17 4.89 13.47
CA ALA C 151 -7.57 6.12 13.98
C ALA C 151 -6.21 5.82 14.63
N ARG C 152 -5.24 6.73 14.41
CA ARG C 152 -3.87 6.71 14.94
C ARG C 152 -2.96 5.62 14.37
N LYS C 153 -3.41 4.85 13.40
CA LYS C 153 -2.60 3.77 12.85
C LYS C 153 -2.38 4.01 11.35
N CYS C 154 -1.40 3.31 10.78
CA CYS C 154 -1.11 3.41 9.35
C CYS C 154 -1.53 2.13 8.65
N THR C 155 -2.60 2.23 7.88
CA THR C 155 -3.12 1.15 7.02
C THR C 155 -3.18 1.65 5.59
N LEU C 156 -2.14 2.39 5.21
CA LEU C 156 -2.08 3.13 3.97
C LEU C 156 -1.67 2.27 2.78
N LYS C 157 -2.41 2.39 1.68
CA LYS C 157 -2.02 1.82 0.40
C LYS C 157 -1.77 2.95 -0.59
N MET C 158 -0.61 2.92 -1.26
CA MET C 158 -0.24 3.94 -2.22
C MET C 158 0.07 3.27 -3.56
N ALA C 159 0.05 4.07 -4.63
CA ALA C 159 0.28 3.58 -5.98
C ALA C 159 0.81 4.68 -6.90
N SER C 160 1.30 4.30 -8.08
CA SER C 160 1.77 5.28 -9.05
C SER C 160 0.59 6.05 -9.63
N GLY C 161 0.76 7.36 -9.81
CA GLY C 161 -0.23 8.21 -10.44
C GLY C 161 0.24 8.74 -11.78
N LEU C 162 -0.36 9.86 -12.20
CA LEU C 162 0.07 10.51 -13.43
C LEU C 162 1.32 11.34 -13.24
N GLY C 163 1.53 11.88 -12.05
CA GLY C 163 2.74 12.63 -11.82
C GLY C 163 2.75 14.00 -12.46
N LEU C 164 1.59 14.66 -12.54
CA LEU C 164 1.56 16.04 -13.00
C LEU C 164 2.06 17.00 -11.94
N LEU C 165 1.87 16.64 -10.68
CA LEU C 165 2.33 17.40 -9.52
C LEU C 165 3.42 16.54 -8.89
N GLU C 166 4.67 16.97 -9.03
CA GLU C 166 5.75 16.01 -8.84
C GLU C 166 6.03 15.69 -7.38
N GLU C 167 6.00 16.66 -6.47
CA GLU C 167 6.55 16.25 -5.18
C GLU C 167 5.53 16.38 -4.06
N ALA C 168 4.32 15.87 -4.28
CA ALA C 168 3.26 16.04 -3.32
C ALA C 168 2.37 14.81 -3.32
N ILE C 169 1.72 14.57 -2.18
CA ILE C 169 0.67 13.56 -2.07
C ILE C 169 -0.64 14.30 -1.87
N ILE C 170 -1.60 14.06 -2.73
CA ILE C 170 -2.92 14.69 -2.67
C ILE C 170 -3.92 13.72 -2.06
N ASP C 171 -4.63 14.18 -1.04
CA ASP C 171 -5.78 13.47 -0.47
C ASP C 171 -7.00 14.37 -0.56
N GLN C 172 -8.17 13.79 -0.78
CA GLN C 172 -9.36 14.56 -1.06
C GLN C 172 -10.42 14.26 0.00
N HIS C 173 -11.61 14.85 -0.14
CA HIS C 173 -12.69 14.65 0.83
C HIS C 173 -12.13 14.75 2.26
N PHE C 174 -11.24 15.71 2.48
CA PHE C 174 -10.34 15.66 3.62
C PHE C 174 -11.02 15.86 4.97
N ASP C 175 -12.27 16.33 5.01
CA ASP C 175 -13.00 16.41 6.27
C ASP C 175 -13.69 15.11 6.63
N GLN C 176 -13.19 13.97 6.17
CA GLN C 176 -13.74 12.67 6.49
C GLN C 176 -12.83 11.97 7.47
N ARG C 177 -13.43 11.18 8.35
CA ARG C 177 -12.71 10.62 9.47
C ARG C 177 -11.52 9.79 8.99
N GLY C 178 -10.34 10.11 9.51
CA GLY C 178 -9.15 9.33 9.22
C GLY C 178 -8.27 9.84 8.11
N ARG C 179 -8.74 10.83 7.30
CA ARG C 179 -7.92 11.29 6.18
C ARG C 179 -6.65 12.00 6.67
N PHE C 180 -6.76 12.80 7.73
CA PHE C 180 -5.58 13.48 8.26
C PHE C 180 -4.54 12.48 8.72
N GLY C 181 -4.97 11.46 9.46
CA GLY C 181 -4.01 10.48 9.94
C GLY C 181 -3.31 9.73 8.82
N ARG C 182 -4.04 9.39 7.76
CA ARG C 182 -3.37 8.63 6.72
C ARG C 182 -2.44 9.50 5.89
N LEU C 183 -2.81 10.77 5.64
CA LEU C 183 -1.88 11.64 4.94
C LEU C 183 -0.64 11.87 5.79
N LEU C 184 -0.82 11.90 7.09
CA LEU C 184 0.32 12.03 7.99
C LEU C 184 1.22 10.80 7.87
N CYS C 185 0.61 9.62 7.76
CA CYS C 185 1.38 8.40 7.54
C CYS C 185 2.18 8.48 6.25
N GLY C 186 1.52 8.90 5.16
CA GLY C 186 2.21 8.97 3.88
C GLY C 186 3.38 9.93 3.91
N VAL C 187 3.17 11.11 4.50
CA VAL C 187 4.26 12.07 4.58
C VAL C 187 5.39 11.52 5.45
N ALA C 188 5.04 10.86 6.56
CA ALA C 188 6.08 10.29 7.42
C ALA C 188 6.92 9.26 6.66
N GLU C 189 6.29 8.48 5.78
CA GLU C 189 7.03 7.46 5.03
C GLU C 189 8.13 8.08 4.18
N ASN C 190 7.87 9.24 3.58
CA ASN C 190 8.86 9.92 2.75
C ASN C 190 8.63 11.41 2.89
N PRO C 191 9.25 12.03 3.88
CA PRO C 191 9.05 13.47 4.10
C PRO C 191 9.47 14.35 2.95
N HIS C 192 10.02 13.76 1.90
CA HIS C 192 10.31 14.57 0.72
C HIS C 192 9.02 15.09 0.09
N MET C 193 7.93 14.36 0.28
CA MET C 193 6.65 14.68 -0.35
C MET C 193 5.81 15.60 0.54
N LEU C 194 5.23 16.62 -0.08
CA LEU C 194 4.33 17.53 0.60
C LEU C 194 2.94 16.92 0.66
N GLY C 195 2.33 16.90 1.83
CA GLY C 195 0.97 16.38 1.94
C GLY C 195 -0.01 17.50 1.74
N ILE C 196 -0.95 17.30 0.81
CA ILE C 196 -1.99 18.30 0.50
C ILE C 196 -3.34 17.61 0.64
N GLY C 197 -4.07 17.94 1.70
CA GLY C 197 -5.40 17.41 1.91
C GLY C 197 -6.44 18.48 1.61
N ILE C 198 -7.35 18.17 0.70
CA ILE C 198 -8.29 19.14 0.17
C ILE C 198 -9.69 18.78 0.62
N ASP C 199 -10.38 19.74 1.22
CA ASP C 199 -11.75 19.54 1.67
C ASP C 199 -12.70 19.39 0.49
N GLU C 200 -13.91 18.92 0.79
CA GLU C 200 -14.94 18.91 -0.22
C GLU C 200 -15.28 20.34 -0.63
N ASP C 201 -15.70 20.50 -1.89
CA ASP C 201 -16.03 21.82 -2.44
C ASP C 201 -14.91 22.82 -2.19
N THR C 202 -13.67 22.33 -2.29
CA THR C 202 -12.46 23.13 -2.14
C THR C 202 -11.43 22.62 -3.13
N ALA C 203 -10.52 23.50 -3.54
CA ALA C 203 -9.59 23.17 -4.60
C ALA C 203 -8.32 23.96 -4.43
N ILE C 204 -7.26 23.51 -5.11
CA ILE C 204 -6.07 24.33 -5.29
C ILE C 204 -5.90 24.55 -6.77
N ARG C 205 -5.54 25.77 -7.15
CA ARG C 205 -5.21 26.08 -8.53
C ARG C 205 -3.70 26.25 -8.54
N VAL C 206 -3.02 25.39 -9.29
CA VAL C 206 -1.56 25.33 -9.35
C VAL C 206 -1.11 26.08 -10.59
N TYR C 207 -0.18 26.99 -10.40
CA TYR C 207 0.41 27.89 -11.38
C TYR C 207 1.76 27.35 -11.83
N PRO C 208 2.15 27.69 -13.06
CA PRO C 208 3.45 27.21 -13.59
C PRO C 208 4.65 27.56 -12.72
N ASP C 209 4.60 28.57 -11.87
CA ASP C 209 5.75 28.91 -11.05
C ASP C 209 5.77 28.13 -9.74
N ALA C 210 4.99 27.06 -9.65
CA ALA C 210 5.00 26.13 -8.52
C ALA C 210 4.46 26.79 -7.24
N HIS C 211 3.43 27.62 -7.38
CA HIS C 211 2.66 28.04 -6.23
C HIS C 211 1.20 27.74 -6.54
N PHE C 212 0.40 27.57 -5.49
CA PHE C 212 -1.03 27.37 -5.70
C PHE C 212 -1.83 28.27 -4.77
N GLU C 213 -3.06 28.52 -5.20
CA GLU C 213 -4.05 29.34 -4.50
C GLU C 213 -5.23 28.46 -4.15
N VAL C 214 -5.80 28.66 -2.97
CA VAL C 214 -6.97 27.90 -2.56
C VAL C 214 -8.23 28.56 -3.11
N VAL C 215 -9.15 27.75 -3.64
CA VAL C 215 -10.41 28.22 -4.19
C VAL C 215 -11.53 27.40 -3.57
N GLY C 216 -12.57 28.06 -3.04
CA GLY C 216 -13.70 27.24 -2.64
C GLY C 216 -14.14 27.49 -1.20
N SER C 217 -15.03 26.60 -0.74
CA SER C 217 -15.81 26.83 0.48
C SER C 217 -15.09 26.52 1.79
N TYR C 218 -14.08 25.65 1.83
CA TYR C 218 -13.50 25.30 3.12
C TYR C 218 -12.00 25.51 3.17
N ALA C 219 -11.21 24.46 3.40
CA ALA C 219 -9.79 24.68 3.57
C ALA C 219 -8.97 23.54 2.99
N VAL C 220 -7.68 23.84 2.83
CA VAL C 220 -6.66 22.89 2.41
C VAL C 220 -5.68 22.75 3.57
N THR C 221 -5.44 21.52 4.01
CA THR C 221 -4.45 21.25 5.04
C THR C 221 -3.15 20.85 4.37
N ILE C 222 -2.05 21.45 4.77
CA ILE C 222 -0.74 21.16 4.21
C ILE C 222 0.15 20.59 5.31
N ILE C 223 0.72 19.42 5.05
CA ILE C 223 1.62 18.72 5.96
C ILE C 223 3.01 18.78 5.34
N ASP C 224 3.91 19.50 5.98
CA ASP C 224 5.30 19.61 5.55
C ASP C 224 6.13 18.80 6.50
N GLY C 225 6.68 17.69 6.00
CA GLY C 225 7.46 16.79 6.81
C GLY C 225 8.93 17.12 6.90
N LYS C 226 9.41 18.13 6.18
CA LYS C 226 10.85 18.38 6.21
C LYS C 226 11.33 18.75 7.59
N SER C 227 10.45 19.26 8.45
CA SER C 227 10.80 19.60 9.83
C SER C 227 10.83 18.40 10.76
N ILE C 228 10.40 17.22 10.31
CA ILE C 228 10.26 16.08 11.21
C ILE C 228 11.59 15.72 11.84
N VAL C 229 11.57 15.51 13.15
CA VAL C 229 12.77 15.08 13.87
C VAL C 229 12.86 13.57 13.90
N SER C 230 11.75 12.86 14.10
CA SER C 230 11.77 11.41 14.12
C SER C 230 10.35 10.91 13.89
N SER C 231 10.22 9.63 13.59
CA SER C 231 8.94 8.94 13.56
C SER C 231 9.24 7.46 13.70
N ASN C 232 8.19 6.69 13.99
CA ASN C 232 8.34 5.24 14.11
C ASN C 232 7.68 4.52 12.95
N VAL C 233 7.48 5.21 11.82
CA VAL C 233 6.71 4.62 10.73
C VAL C 233 7.44 3.44 10.11
N SER C 234 8.77 3.44 10.09
CA SER C 234 9.51 2.38 9.41
C SER C 234 9.47 1.04 10.15
N GLU C 235 9.25 1.05 11.46
CA GLU C 235 9.21 -0.14 12.28
C GLU C 235 7.80 -0.44 12.79
N LEU C 236 6.80 0.18 12.19
CA LEU C 236 5.46 0.14 12.73
C LEU C 236 4.73 -1.11 12.26
N LYS C 237 4.05 -1.78 13.17
CA LYS C 237 3.21 -2.90 12.77
C LYS C 237 1.76 -2.44 12.58
N PRO C 238 0.95 -3.21 11.87
CA PRO C 238 -0.39 -2.71 11.46
C PRO C 238 -1.29 -2.23 12.60
N ASP C 239 -1.16 -2.79 13.79
CA ASP C 239 -2.00 -2.43 14.92
C ASP C 239 -1.30 -1.47 15.89
N GLU C 240 -0.14 -0.93 15.49
CA GLU C 240 0.65 -0.08 16.35
C GLU C 240 0.40 1.40 16.01
N ILE C 241 0.58 2.27 17.02
CA ILE C 241 0.25 3.68 16.94
C ILE C 241 1.43 4.46 16.34
N LEU C 242 1.12 5.32 15.37
CA LEU C 242 2.15 6.16 14.77
C LEU C 242 2.64 7.18 15.78
N ALA C 243 3.96 7.32 15.88
CA ALA C 243 4.62 8.35 16.69
C ALA C 243 5.34 9.28 15.74
N ILE C 244 5.26 10.59 15.99
CA ILE C 244 5.88 11.51 15.06
C ILE C 244 6.16 12.82 15.78
N ALA C 245 7.34 13.39 15.50
CA ALA C 245 7.83 14.60 16.15
C ALA C 245 8.16 15.67 15.12
N ASN C 246 7.66 16.89 15.38
CA ASN C 246 7.96 18.14 14.64
C ASN C 246 7.47 18.13 13.19
N VAL C 247 6.18 17.82 13.02
CA VAL C 247 5.52 17.99 11.73
C VAL C 247 5.09 19.43 11.58
N THR C 248 5.26 20.02 10.39
CA THR C 248 4.75 21.37 10.19
C THR C 248 3.39 21.29 9.52
N VAL C 249 2.40 22.01 10.05
CA VAL C 249 1.04 21.97 9.52
C VAL C 249 0.53 23.38 9.22
N HIS C 250 -0.10 23.53 8.07
CA HIS C 250 -0.75 24.75 7.64
C HIS C 250 -2.20 24.45 7.31
N VAL C 251 -3.09 25.38 7.59
CA VAL C 251 -4.48 25.26 7.17
C VAL C 251 -4.86 26.54 6.44
N LEU C 252 -5.27 26.41 5.17
CA LEU C 252 -5.46 27.55 4.28
C LEU C 252 -6.87 27.61 3.72
N PRO C 253 -7.62 28.65 4.00
CA PRO C 253 -8.92 28.81 3.32
C PRO C 253 -8.76 29.59 2.01
N GLU C 254 -9.87 29.81 1.30
CA GLU C 254 -9.82 30.60 0.07
C GLU C 254 -9.16 31.94 0.29
N GLY C 255 -8.33 32.36 -0.66
CA GLY C 255 -7.63 33.62 -0.57
C GLY C 255 -6.20 33.48 -0.10
N TYR C 256 -5.81 32.30 0.36
CA TYR C 256 -4.45 32.01 0.75
C TYR C 256 -3.85 31.06 -0.26
N GLY C 257 -2.52 30.99 -0.28
CA GLY C 257 -1.84 30.08 -1.19
C GLY C 257 -0.54 29.56 -0.62
N PHE C 258 0.25 28.90 -1.45
CA PHE C 258 1.45 28.22 -0.97
C PHE C 258 2.49 28.18 -2.07
N ASP C 259 3.72 28.55 -1.70
CA ASP C 259 4.89 28.47 -2.55
C ASP C 259 5.55 27.13 -2.26
N MET C 260 5.55 26.23 -3.25
CA MET C 260 6.07 24.88 -3.11
C MET C 260 7.57 24.80 -3.24
N LYS C 261 8.23 25.86 -3.70
CA LYS C 261 9.69 25.83 -3.78
C LYS C 261 10.33 26.19 -2.45
N ARG C 262 9.76 27.17 -1.76
CA ARG C 262 10.24 27.53 -0.44
C ARG C 262 9.37 26.96 0.66
N ARG C 263 8.22 26.38 0.29
CA ARG C 263 7.25 25.87 1.25
C ARG C 263 6.83 26.97 2.22
N GLU C 264 6.37 28.08 1.66
CA GLU C 264 5.92 29.22 2.44
C GLU C 264 4.45 29.50 2.16
N VAL C 265 3.73 29.94 3.18
CA VAL C 265 2.32 30.32 3.01
C VAL C 265 2.26 31.75 2.48
N LEU C 266 1.37 31.98 1.51
CA LEU C 266 1.15 33.29 0.88
C LEU C 266 -0.29 33.79 1.07
N ARG C 267 -0.49 35.10 0.88
CA ARG C 267 -1.83 35.71 0.87
C ARG C 267 -2.11 36.42 -0.46
N LEU C 268 -3.36 36.33 -0.93
CA LEU C 268 -3.83 37.08 -2.11
C LEU C 268 -3.67 38.60 -1.94
N GLY D 7 4.53 19.12 41.03
CA GLY D 7 4.03 18.19 40.01
C GLY D 7 3.21 17.01 40.49
N ASN D 8 3.19 15.97 39.66
CA ASN D 8 2.43 14.73 39.80
C ASN D 8 0.97 14.91 39.47
N LEU D 9 0.71 14.99 38.16
CA LEU D 9 -0.63 15.07 37.62
C LEU D 9 -0.84 13.87 36.73
N VAL D 10 -2.05 13.34 36.70
CA VAL D 10 -2.40 12.35 35.71
C VAL D 10 -3.65 12.86 35.01
N ILE D 11 -3.49 13.20 33.73
CA ILE D 11 -4.53 13.87 32.96
C ILE D 11 -5.03 12.88 31.92
N ILE D 12 -6.28 12.48 32.04
CA ILE D 12 -6.84 11.34 31.31
C ILE D 12 -7.85 11.86 30.30
N GLY D 13 -7.77 11.36 29.08
CA GLY D 13 -8.59 11.83 27.98
C GLY D 13 -10.03 11.37 28.00
N GLY D 14 -10.43 10.63 29.03
CA GLY D 14 -11.82 10.26 29.13
C GLY D 14 -12.09 8.85 28.63
N ALA D 15 -13.22 8.30 29.08
CA ALA D 15 -13.65 6.95 28.71
C ALA D 15 -12.54 5.93 28.93
N GLU D 16 -11.83 6.08 30.04
CA GLU D 16 -10.72 5.17 30.35
C GLU D 16 -11.27 3.80 30.75
N ASP D 17 -10.41 2.80 30.61
CA ASP D 17 -10.73 1.39 30.87
C ASP D 17 -11.05 1.16 32.34
N LYS D 18 -12.28 0.71 32.63
CA LYS D 18 -12.70 0.39 33.99
C LYS D 18 -12.98 -1.10 34.22
N LYS D 19 -12.92 -1.92 33.18
CA LYS D 19 -13.27 -3.33 33.28
C LYS D 19 -12.11 -4.28 33.08
N GLY D 20 -11.15 -3.95 32.23
CA GLY D 20 -10.06 -4.84 31.92
C GLY D 20 -8.78 -4.51 32.66
N GLU D 21 -7.69 -4.38 31.90
CA GLU D 21 -6.40 -4.09 32.51
C GLU D 21 -6.44 -2.81 33.34
N SER D 22 -7.18 -1.79 32.87
CA SER D 22 -7.26 -0.50 33.55
C SER D 22 -5.88 0.07 33.79
N LYS D 23 -5.10 0.11 32.71
CA LYS D 23 -3.69 0.52 32.83
C LYS D 23 -3.58 1.92 33.44
N ILE D 24 -4.43 2.86 33.00
CA ILE D 24 -4.32 4.25 33.44
C ILE D 24 -4.71 4.36 34.91
N LEU D 25 -5.87 3.79 35.29
CA LEU D 25 -6.28 3.88 36.68
C LEU D 25 -5.32 3.10 37.58
N LYS D 26 -4.74 2.01 37.06
CA LYS D 26 -3.72 1.30 37.80
C LYS D 26 -2.52 2.19 38.06
N LYS D 27 -2.13 3.00 37.07
CA LYS D 27 -1.01 3.93 37.29
C LYS D 27 -1.37 4.98 38.34
N VAL D 28 -2.62 5.43 38.33
CA VAL D 28 -3.08 6.41 39.31
C VAL D 28 -2.96 5.83 40.71
N ALA D 29 -3.44 4.61 40.90
CA ALA D 29 -3.33 3.94 42.19
C ALA D 29 -1.87 3.75 42.58
N GLU D 30 -1.04 3.39 41.60
CA GLU D 30 0.36 3.13 41.87
C GLU D 30 1.03 4.38 42.45
N ILE D 31 0.78 5.54 41.83
CA ILE D 31 1.40 6.77 42.30
C ILE D 31 0.86 7.16 43.68
N ALA D 32 -0.44 6.93 43.92
CA ALA D 32 -1.07 7.30 45.17
C ALA D 32 -0.61 6.45 46.37
N GLY D 33 0.01 5.30 46.14
CA GLY D 33 0.44 4.45 47.24
C GLY D 33 -0.60 3.43 47.70
N PHE D 34 -1.65 3.20 46.91
CA PHE D 34 -2.71 2.20 47.12
C PHE D 34 -3.50 2.37 48.42
N GLY D 35 -3.55 3.57 49.00
CA GLY D 35 -4.42 3.80 50.13
C GLY D 35 -3.73 4.05 51.45
N ASP D 36 -2.39 4.04 51.48
CA ASP D 36 -1.69 4.27 52.76
C ASP D 36 -2.17 5.56 53.41
N MET D 37 -2.45 6.57 52.61
CA MET D 37 -3.27 7.71 53.01
C MET D 37 -4.50 7.74 52.12
N GLU D 38 -5.62 8.22 52.66
CA GLU D 38 -6.90 8.07 51.97
C GLU D 38 -6.86 8.64 50.55
N PHE D 39 -7.45 7.90 49.64
CA PHE D 39 -7.57 8.29 48.25
C PHE D 39 -8.96 8.85 48.04
N ILE D 40 -9.06 10.03 47.42
CA ILE D 40 -10.33 10.74 47.34
C ILE D 40 -10.80 10.76 45.91
N VAL D 41 -12.06 10.35 45.68
CA VAL D 41 -12.74 10.47 44.40
C VAL D 41 -13.73 11.62 44.52
N LEU D 42 -13.55 12.63 43.69
CA LEU D 42 -14.29 13.88 43.78
C LEU D 42 -15.26 13.97 42.60
N THR D 43 -16.55 14.01 42.89
CA THR D 43 -17.59 13.89 41.89
C THR D 43 -18.26 15.21 41.55
N THR D 44 -17.66 16.33 41.94
CA THR D 44 -18.25 17.65 41.72
C THR D 44 -18.70 17.84 40.28
N ALA D 45 -17.94 17.27 39.33
CA ALA D 45 -18.18 17.54 37.92
C ALA D 45 -19.52 17.01 37.44
N THR D 46 -20.07 15.97 38.09
CA THR D 46 -21.19 15.25 37.52
C THR D 46 -22.46 15.42 38.34
N GLU D 47 -23.59 15.29 37.66
CA GLU D 47 -24.91 15.28 38.26
C GLU D 47 -25.36 13.88 38.65
N HIS D 48 -24.50 12.88 38.47
CA HIS D 48 -24.76 11.50 38.85
C HIS D 48 -23.66 11.02 39.79
N PRO D 49 -23.44 11.71 40.91
CA PRO D 49 -22.28 11.39 41.75
C PRO D 49 -22.36 10.04 42.40
N VAL D 50 -23.54 9.45 42.53
CA VAL D 50 -23.65 8.16 43.21
C VAL D 50 -23.25 7.01 42.28
N GLU D 51 -23.86 6.94 41.10
CA GLU D 51 -23.46 5.96 40.10
C GLU D 51 -21.96 6.04 39.81
N VAL D 52 -21.47 7.24 39.49
CA VAL D 52 -20.08 7.45 39.10
C VAL D 52 -19.14 7.18 40.27
N GLY D 53 -19.50 7.67 41.45
CA GLY D 53 -18.69 7.39 42.63
C GLY D 53 -18.61 5.90 42.91
N ASN D 54 -19.73 5.19 42.73
CA ASN D 54 -19.73 3.76 42.98
C ASN D 54 -18.85 3.02 41.98
N GLU D 55 -18.92 3.42 40.71
CA GLU D 55 -18.12 2.78 39.69
C GLU D 55 -16.62 2.97 39.96
N TYR D 56 -16.22 4.19 40.34
CA TYR D 56 -14.81 4.39 40.66
C TYR D 56 -14.42 3.68 41.95
N LEU D 57 -15.37 3.54 42.88
CA LEU D 57 -15.09 2.81 44.11
C LEU D 57 -14.76 1.35 43.81
N ASN D 58 -15.58 0.72 42.97
CA ASN D 58 -15.36 -0.67 42.63
C ASN D 58 -14.06 -0.86 41.87
N VAL D 59 -13.76 0.04 40.91
CA VAL D 59 -12.55 -0.12 40.13
C VAL D 59 -11.31 0.07 40.98
N PHE D 60 -11.26 1.14 41.78
CA PHE D 60 -10.07 1.39 42.58
C PHE D 60 -9.89 0.36 43.68
N GLN D 61 -10.99 -0.21 44.19
CA GLN D 61 -10.83 -1.32 45.13
C GLN D 61 -10.28 -2.55 44.43
N ARG D 62 -10.81 -2.86 43.24
CA ARG D 62 -10.32 -3.96 42.43
C ARG D 62 -8.82 -3.82 42.14
N LEU D 63 -8.33 -2.60 42.00
CA LEU D 63 -6.93 -2.35 41.74
C LEU D 63 -6.09 -2.26 43.01
N GLY D 64 -6.69 -2.45 44.18
CA GLY D 64 -5.90 -2.51 45.40
C GLY D 64 -5.95 -1.30 46.31
N ILE D 65 -6.83 -0.33 46.08
CA ILE D 65 -7.01 0.77 47.03
C ILE D 65 -8.14 0.38 47.94
N ASN D 66 -7.84 0.22 49.22
CA ASN D 66 -8.88 -0.11 50.18
C ASN D 66 -9.34 1.12 50.95
N ASN D 67 -8.42 2.05 51.17
CA ASN D 67 -8.67 3.27 51.93
C ASN D 67 -9.05 4.38 50.94
N ILE D 68 -10.31 4.34 50.51
CA ILE D 68 -10.80 5.25 49.48
C ILE D 68 -12.13 5.85 49.91
N GLU D 69 -12.29 7.17 49.70
CA GLU D 69 -13.52 7.87 50.01
C GLU D 69 -14.01 8.73 48.85
N VAL D 70 -15.31 8.69 48.60
CA VAL D 70 -15.93 9.50 47.55
C VAL D 70 -16.57 10.73 48.19
N LEU D 71 -16.12 11.92 47.79
CA LEU D 71 -16.63 13.19 48.30
C LEU D 71 -17.61 13.76 47.29
N ASP D 72 -18.90 13.79 47.68
CA ASP D 72 -19.95 14.40 46.88
C ASP D 72 -20.05 15.88 47.27
N ILE D 73 -19.13 16.68 46.74
CA ILE D 73 -19.14 18.12 46.98
C ILE D 73 -19.91 18.77 45.83
N SER D 74 -21.18 19.07 46.06
CA SER D 74 -22.10 19.53 45.05
C SER D 74 -22.60 20.95 45.26
N THR D 75 -22.30 21.56 46.41
CA THR D 75 -22.67 22.94 46.70
C THR D 75 -21.41 23.67 47.15
N ARG D 76 -21.47 25.00 47.07
CA ARG D 76 -20.33 25.80 47.53
C ARG D 76 -20.20 25.75 49.04
N GLU D 77 -21.32 25.50 49.74
CA GLU D 77 -21.25 25.34 51.18
C GLU D 77 -20.41 24.13 51.54
N ASP D 78 -20.67 23.00 50.86
CA ASP D 78 -19.84 21.81 51.08
C ASP D 78 -18.39 22.12 50.78
N ALA D 79 -18.15 22.87 49.71
CA ALA D 79 -16.78 23.20 49.30
C ALA D 79 -16.09 24.07 50.30
N ASN D 80 -16.83 24.70 51.20
CA ASN D 80 -16.22 25.52 52.24
C ASN D 80 -16.25 24.85 53.61
N ASN D 81 -16.57 23.57 53.68
CA ASN D 81 -16.56 22.82 54.93
C ASN D 81 -15.13 22.37 55.24
N GLU D 82 -14.60 22.82 56.39
CA GLU D 82 -13.20 22.52 56.70
C GLU D 82 -12.92 21.05 56.80
N GLU D 83 -13.93 20.24 57.06
CA GLU D 83 -13.74 18.81 57.07
C GLU D 83 -13.20 18.33 55.72
N ASN D 84 -13.78 18.83 54.63
CA ASN D 84 -13.37 18.42 53.31
C ASN D 84 -12.01 19.01 52.95
N TYR D 85 -11.72 20.21 53.43
CA TYR D 85 -10.37 20.75 53.28
C TYR D 85 -9.35 19.77 53.83
N TYR D 86 -9.56 19.31 55.07
CA TYR D 86 -8.58 18.44 55.69
C TYR D 86 -8.55 17.07 55.02
N LYS D 87 -9.72 16.57 54.59
CA LYS D 87 -9.71 15.30 53.87
C LYS D 87 -8.81 15.37 52.64
N ILE D 88 -8.86 16.49 51.92
CA ILE D 88 -8.06 16.58 50.70
C ILE D 88 -6.57 16.81 51.00
N VAL D 89 -6.24 17.76 51.88
CA VAL D 89 -4.82 18.05 52.09
C VAL D 89 -4.07 16.89 52.74
N ASN D 90 -4.77 15.99 53.41
CA ASN D 90 -4.14 14.84 54.04
C ASN D 90 -4.29 13.58 53.23
N SER D 91 -4.76 13.68 51.98
CA SER D 91 -4.95 12.50 51.16
C SER D 91 -3.63 12.05 50.54
N GLY D 92 -3.66 10.84 50.00
CA GLY D 92 -2.58 10.34 49.19
C GLY D 92 -2.78 10.55 47.71
N GLY D 93 -3.92 11.13 47.32
CA GLY D 93 -4.23 11.34 45.92
C GLY D 93 -5.68 11.72 45.70
N VAL D 94 -5.93 12.55 44.69
CA VAL D 94 -7.27 13.03 44.40
C VAL D 94 -7.58 12.71 42.96
N PHE D 95 -8.77 12.18 42.70
CA PHE D 95 -9.23 11.85 41.36
C PHE D 95 -10.52 12.59 41.07
N MET D 96 -10.51 13.46 40.07
CA MET D 96 -11.70 14.22 39.69
C MET D 96 -12.40 13.54 38.53
N THR D 97 -13.66 13.18 38.73
CA THR D 97 -14.35 12.44 37.68
C THR D 97 -14.77 13.38 36.54
N GLY D 98 -15.31 12.77 35.49
CA GLY D 98 -15.83 13.52 34.38
C GLY D 98 -17.16 14.16 34.74
N GLY D 99 -17.76 14.83 33.76
CA GLY D 99 -18.92 15.67 34.01
C GLY D 99 -18.89 16.95 33.20
N ASP D 100 -19.17 18.09 33.85
CA ASP D 100 -19.07 19.40 33.22
C ASP D 100 -17.94 20.20 33.87
N GLN D 101 -17.04 20.76 33.07
CA GLN D 101 -15.94 21.54 33.63
C GLN D 101 -16.45 22.71 34.45
N LEU D 102 -17.55 23.34 34.00
CA LEU D 102 -18.01 24.52 34.72
C LEU D 102 -18.68 24.17 36.04
N ARG D 103 -19.15 22.94 36.26
CA ARG D 103 -19.58 22.63 37.62
C ARG D 103 -18.39 22.64 38.55
N ILE D 104 -17.25 22.11 38.08
CA ILE D 104 -16.07 22.09 38.93
C ILE D 104 -15.67 23.51 39.27
N THR D 105 -15.56 24.38 38.27
CA THR D 105 -15.03 25.71 38.57
C THR D 105 -16.04 26.57 39.34
N SER D 106 -17.31 26.50 38.96
CA SER D 106 -18.31 27.33 39.61
C SER D 106 -18.56 26.91 41.04
N ILE D 107 -18.40 25.62 41.35
CA ILE D 107 -18.66 25.16 42.72
C ILE D 107 -17.41 25.22 43.58
N LEU D 108 -16.23 24.93 43.02
CA LEU D 108 -15.00 24.90 43.81
C LEU D 108 -14.19 26.17 43.76
N GLY D 109 -14.33 26.99 42.72
CA GLY D 109 -13.51 28.18 42.62
C GLY D 109 -13.73 29.08 43.83
N GLY D 110 -12.62 29.57 44.40
CA GLY D 110 -12.77 30.45 45.53
C GLY D 110 -13.15 29.79 46.84
N THR D 111 -13.11 28.46 46.93
CA THR D 111 -13.50 27.73 48.13
C THR D 111 -12.30 27.13 48.84
N LYS D 112 -12.57 26.57 50.01
CA LYS D 112 -11.52 25.90 50.78
C LYS D 112 -11.03 24.65 50.05
N VAL D 113 -11.94 23.92 49.41
CA VAL D 113 -11.56 22.71 48.68
C VAL D 113 -10.55 23.03 47.58
N PHE D 114 -10.78 24.13 46.88
CA PHE D 114 -9.86 24.56 45.82
C PHE D 114 -8.46 24.77 46.37
N ASN D 115 -8.36 25.48 47.50
CA ASN D 115 -7.08 25.68 48.14
C ASN D 115 -6.49 24.37 48.65
N ALA D 116 -7.35 23.44 49.07
CA ALA D 116 -6.87 22.13 49.50
C ALA D 116 -6.26 21.38 48.34
N LEU D 117 -6.89 21.45 47.16
CA LEU D 117 -6.33 20.78 46.00
C LEU D 117 -4.98 21.36 45.64
N ILE D 118 -4.87 22.69 45.68
CA ILE D 118 -3.60 23.30 45.32
C ILE D 118 -2.53 22.97 46.35
N GLU D 119 -2.88 22.99 47.63
CA GLU D 119 -1.92 22.69 48.69
C GLU D 119 -1.46 21.24 48.62
N ALA D 120 -2.40 20.31 48.43
CA ALA D 120 -2.05 18.91 48.24
C ALA D 120 -1.11 18.74 47.05
N TYR D 121 -1.42 19.41 45.93
CA TYR D 121 -0.57 19.30 44.76
C TYR D 121 0.85 19.72 45.08
N LEU D 122 1.01 20.88 45.73
CA LEU D 122 2.33 21.39 46.07
C LEU D 122 3.07 20.51 47.08
N LYS D 123 2.35 19.70 47.86
CA LYS D 123 2.96 18.76 48.79
C LYS D 123 3.43 17.49 48.11
N GLY D 124 3.14 17.32 46.82
CA GLY D 124 3.45 16.12 46.11
C GLY D 124 2.32 15.13 46.00
N VAL D 125 1.11 15.51 46.43
CA VAL D 125 -0.03 14.61 46.29
C VAL D 125 -0.42 14.53 44.83
N VAL D 126 -0.60 13.32 44.33
CA VAL D 126 -0.97 13.16 42.93
C VAL D 126 -2.38 13.69 42.75
N ILE D 127 -2.55 14.56 41.74
CA ILE D 127 -3.87 15.02 41.32
C ILE D 127 -4.15 14.41 39.96
N ALA D 128 -5.25 13.69 39.85
CA ALA D 128 -5.63 13.05 38.60
C ALA D 128 -7.03 13.52 38.25
N GLY D 129 -7.34 13.46 36.96
CA GLY D 129 -8.70 13.75 36.52
C GLY D 129 -8.90 13.25 35.12
N THR D 130 -10.17 12.97 34.78
CA THR D 130 -10.52 12.43 33.48
C THR D 130 -11.67 13.26 32.89
N SER D 131 -11.64 13.43 31.58
CA SER D 131 -12.65 14.17 30.81
C SER D 131 -12.71 15.59 31.35
N ALA D 132 -13.85 16.07 31.89
CA ALA D 132 -13.93 17.42 32.43
C ALA D 132 -12.91 17.63 33.54
N GLY D 133 -12.66 16.59 34.33
CA GLY D 133 -11.67 16.68 35.38
C GLY D 133 -10.27 16.83 34.86
N ALA D 134 -10.06 16.56 33.57
CA ALA D 134 -8.76 16.81 32.96
C ALA D 134 -8.70 18.22 32.41
N SER D 135 -9.77 18.66 31.75
CA SER D 135 -9.82 20.00 31.19
C SER D 135 -9.56 21.06 32.24
N VAL D 136 -10.12 20.88 33.45
CA VAL D 136 -9.99 21.95 34.44
C VAL D 136 -8.57 22.11 34.96
N MET D 137 -7.63 21.25 34.58
CA MET D 137 -6.32 21.39 35.19
C MET D 137 -5.51 22.53 34.58
N SER D 138 -5.88 23.02 33.41
CA SER D 138 -5.16 24.12 32.81
C SER D 138 -5.60 25.48 33.40
N ASN D 139 -4.78 26.52 33.18
CA ASN D 139 -5.17 27.87 33.61
C ASN D 139 -6.38 28.34 32.84
N THR D 140 -6.41 28.06 31.54
CA THR D 140 -7.55 28.41 30.71
C THR D 140 -7.98 27.13 30.02
N MET D 141 -9.25 26.80 30.17
CA MET D 141 -9.77 25.50 29.76
C MET D 141 -10.83 25.69 28.69
N ILE D 142 -11.03 24.66 27.92
CA ILE D 142 -12.06 24.62 26.89
C ILE D 142 -13.35 24.14 27.53
N VAL D 143 -14.46 24.79 27.20
CA VAL D 143 -15.77 24.41 27.70
C VAL D 143 -16.55 23.71 26.59
N ASP D 144 -17.15 22.56 26.92
CA ASP D 144 -17.89 21.76 25.95
C ASP D 144 -19.33 22.25 25.76
N GLY D 145 -20.09 21.75 24.76
CA GLY D 145 -21.52 22.03 24.72
C GLY D 145 -21.84 23.12 23.69
N ASN D 148 -21.91 21.94 17.13
CA ASN D 148 -21.36 22.85 18.15
C ASN D 148 -19.89 23.10 17.88
N ASP D 149 -19.29 22.22 17.10
CA ASP D 149 -17.89 22.34 16.67
C ASP D 149 -17.83 22.12 15.17
N PRO D 150 -18.36 23.06 14.38
CA PRO D 150 -18.34 22.90 12.92
C PRO D 150 -16.91 22.87 12.40
N ALA D 151 -16.67 22.02 11.41
CA ALA D 151 -15.31 21.81 10.94
C ALA D 151 -14.71 23.08 10.34
N ARG D 152 -13.43 23.31 10.67
CA ARG D 152 -12.56 24.36 10.12
C ARG D 152 -12.92 25.78 10.54
N LYS D 153 -13.82 25.93 11.49
CA LYS D 153 -14.26 27.21 12.02
C LYS D 153 -13.92 27.25 13.52
N CYS D 154 -13.94 28.45 14.09
CA CYS D 154 -13.71 28.60 15.54
C CYS D 154 -15.00 29.00 16.23
N THR D 155 -15.55 28.08 17.03
CA THR D 155 -16.70 28.32 17.88
C THR D 155 -16.29 28.03 19.31
N LEU D 156 -15.07 28.43 19.63
CA LEU D 156 -14.43 28.04 20.88
C LEU D 156 -14.91 28.90 22.03
N LYS D 157 -15.29 28.26 23.13
CA LYS D 157 -15.56 28.93 24.40
C LYS D 157 -14.56 28.44 25.43
N MET D 158 -13.92 29.38 26.11
CA MET D 158 -12.92 29.05 27.11
C MET D 158 -13.29 29.71 28.44
N ALA D 159 -12.64 29.26 29.49
CA ALA D 159 -12.95 29.73 30.82
C ALA D 159 -11.74 29.53 31.74
N SER D 160 -11.82 30.11 32.94
CA SER D 160 -10.75 29.91 33.90
C SER D 160 -10.78 28.49 34.42
N GLY D 161 -9.60 27.89 34.58
CA GLY D 161 -9.49 26.59 35.18
C GLY D 161 -8.82 26.63 36.54
N LEU D 162 -8.35 25.46 36.99
CA LEU D 162 -7.67 25.37 38.28
C LEU D 162 -6.23 25.81 38.19
N GLY D 163 -5.61 25.69 37.02
CA GLY D 163 -4.25 26.17 36.88
C GLY D 163 -3.20 25.29 37.51
N LEU D 164 -3.43 23.98 37.53
CA LEU D 164 -2.38 23.09 38.00
C LEU D 164 -1.29 22.92 36.96
N LEU D 165 -1.64 23.02 35.68
CA LEU D 165 -0.70 22.96 34.55
C LEU D 165 -0.66 24.36 33.93
N GLU D 166 0.46 25.07 34.10
CA GLU D 166 0.39 26.52 33.93
C GLU D 166 0.29 26.96 32.47
N GLU D 167 1.00 26.34 31.53
CA GLU D 167 1.00 26.99 30.22
C GLU D 167 0.48 26.09 29.13
N ALA D 168 -0.67 25.47 29.37
CA ALA D 168 -1.17 24.48 28.44
C ALA D 168 -2.69 24.54 28.39
N ILE D 169 -3.23 24.18 27.23
CA ILE D 169 -4.66 23.97 27.04
C ILE D 169 -4.86 22.49 26.83
N ILE D 170 -5.70 21.87 27.65
CA ILE D 170 -5.97 20.44 27.58
C ILE D 170 -7.30 20.20 26.90
N ASP D 171 -7.31 19.35 25.88
CA ASP D 171 -8.55 18.87 25.29
C ASP D 171 -8.55 17.34 25.39
N GLN D 172 -9.74 16.78 25.55
CA GLN D 172 -9.91 15.37 25.80
C GLN D 172 -10.81 14.76 24.71
N HIS D 173 -11.08 13.46 24.84
CA HIS D 173 -11.88 12.71 23.87
C HIS D 173 -11.41 13.06 22.47
N PHE D 174 -10.08 13.17 22.30
CA PHE D 174 -9.53 13.93 21.18
C PHE D 174 -9.74 13.27 19.82
N ASP D 175 -10.11 12.00 19.78
CA ASP D 175 -10.47 11.33 18.55
C ASP D 175 -11.94 11.54 18.17
N GLN D 176 -12.53 12.68 18.57
CA GLN D 176 -13.91 13.04 18.23
C GLN D 176 -13.87 14.18 17.23
N ARG D 177 -14.87 14.21 16.34
CA ARG D 177 -14.84 15.18 15.25
C ARG D 177 -14.79 16.59 15.80
N GLY D 178 -13.88 17.39 15.25
CA GLY D 178 -13.76 18.78 15.61
C GLY D 178 -12.82 19.10 16.75
N ARG D 179 -12.34 18.11 17.50
CA ARG D 179 -11.46 18.40 18.63
C ARG D 179 -10.14 18.99 18.16
N PHE D 180 -9.61 18.46 17.06
CA PHE D 180 -8.36 19.01 16.55
C PHE D 180 -8.56 20.46 16.11
N GLY D 181 -9.64 20.72 15.39
CA GLY D 181 -9.88 22.08 14.92
C GLY D 181 -10.02 23.07 16.07
N ARG D 182 -10.73 22.69 17.12
CA ARG D 182 -10.91 23.67 18.17
C ARG D 182 -9.65 23.84 19.00
N LEU D 183 -8.90 22.76 19.26
CA LEU D 183 -7.64 22.95 19.98
C LEU D 183 -6.68 23.81 19.18
N LEU D 184 -6.75 23.68 17.85
CA LEU D 184 -5.96 24.53 16.98
C LEU D 184 -6.39 25.99 17.11
N CYS D 185 -7.70 26.25 17.16
CA CYS D 185 -8.20 27.61 17.39
C CYS D 185 -7.65 28.18 18.69
N GLY D 186 -7.70 27.39 19.75
CA GLY D 186 -7.23 27.87 21.04
C GLY D 186 -5.75 28.20 21.04
N VAL D 187 -4.94 27.36 20.41
CA VAL D 187 -3.52 27.68 20.38
C VAL D 187 -3.29 28.93 19.54
N ALA D 188 -4.04 29.08 18.46
CA ALA D 188 -3.91 30.28 17.65
C ALA D 188 -4.23 31.54 18.45
N GLU D 189 -5.26 31.48 19.30
CA GLU D 189 -5.64 32.68 20.04
C GLU D 189 -4.51 33.14 20.94
N ASN D 190 -3.75 32.21 21.51
CA ASN D 190 -2.61 32.59 22.33
C ASN D 190 -1.57 31.51 22.20
N PRO D 191 -0.69 31.61 21.20
CA PRO D 191 0.36 30.59 21.02
C PRO D 191 1.27 30.42 22.20
N HIS D 192 1.13 31.22 23.25
CA HIS D 192 1.95 30.96 24.42
C HIS D 192 1.61 29.60 25.01
N MET D 193 0.38 29.15 24.80
CA MET D 193 -0.15 27.94 25.41
C MET D 193 0.13 26.71 24.55
N LEU D 194 0.54 25.63 25.21
CA LEU D 194 0.76 24.37 24.53
C LEU D 194 -0.59 23.66 24.40
N GLY D 195 -0.94 23.22 23.21
CA GLY D 195 -2.16 22.47 23.02
C GLY D 195 -1.87 21.01 23.27
N ILE D 196 -2.66 20.39 24.15
CA ILE D 196 -2.51 18.98 24.48
C ILE D 196 -3.86 18.33 24.30
N GLY D 197 -4.01 17.53 23.23
CA GLY D 197 -5.23 16.79 22.98
C GLY D 197 -5.01 15.34 23.31
N ILE D 198 -5.84 14.80 24.20
CA ILE D 198 -5.64 13.46 24.75
C ILE D 198 -6.78 12.57 24.24
N ASP D 199 -6.42 11.45 23.61
CA ASP D 199 -7.40 10.51 23.09
C ASP D 199 -8.10 9.81 24.24
N GLU D 200 -9.23 9.16 23.92
CA GLU D 200 -9.90 8.35 24.94
C GLU D 200 -8.98 7.22 25.39
N ASP D 201 -9.16 6.83 26.65
CA ASP D 201 -8.36 5.75 27.25
C ASP D 201 -6.87 6.01 27.04
N THR D 202 -6.49 7.27 27.15
CA THR D 202 -5.10 7.68 27.03
C THR D 202 -4.89 8.79 28.04
N ALA D 203 -3.66 8.95 28.48
CA ALA D 203 -3.37 9.87 29.57
C ALA D 203 -1.95 10.39 29.41
N ILE D 204 -1.67 11.47 30.12
CA ILE D 204 -0.30 11.89 30.35
C ILE D 204 -0.05 11.94 31.84
N ARG D 205 1.13 11.50 32.24
CA ARG D 205 1.62 11.66 33.59
C ARG D 205 2.60 12.81 33.59
N VAL D 206 2.30 13.85 34.35
CA VAL D 206 3.12 15.06 34.41
C VAL D 206 3.92 14.98 35.69
N TYR D 207 5.28 15.17 35.58
CA TYR D 207 6.30 15.11 36.61
C TYR D 207 6.74 16.50 37.08
N PRO D 208 7.22 16.58 38.31
CA PRO D 208 7.68 17.88 38.85
C PRO D 208 8.73 18.58 38.03
N ASP D 209 9.48 17.88 37.17
CA ASP D 209 10.50 18.52 36.36
C ASP D 209 9.96 19.04 35.03
N ALA D 210 8.64 19.14 34.90
CA ALA D 210 7.95 19.73 33.75
C ALA D 210 8.11 18.90 32.48
N HIS D 211 8.12 17.59 32.61
CA HIS D 211 8.02 16.71 31.46
C HIS D 211 6.88 15.74 31.73
N PHE D 212 6.27 15.25 30.66
CA PHE D 212 5.20 14.28 30.85
C PHE D 212 5.40 13.07 29.94
N GLU D 213 4.81 11.97 30.36
CA GLU D 213 4.88 10.68 29.69
C GLU D 213 3.48 10.27 29.27
N VAL D 214 3.35 9.69 28.09
CA VAL D 214 2.05 9.18 27.61
C VAL D 214 1.84 7.77 28.17
N VAL D 215 0.62 7.51 28.65
CA VAL D 215 0.24 6.24 29.21
C VAL D 215 -1.07 5.82 28.55
N GLY D 216 -1.16 4.60 28.03
CA GLY D 216 -2.49 4.21 27.62
C GLY D 216 -2.61 3.72 26.20
N SER D 217 -3.85 3.57 25.76
CA SER D 217 -4.18 2.81 24.56
C SER D 217 -3.98 3.56 23.25
N TYR D 218 -4.02 4.89 23.25
CA TYR D 218 -3.87 5.58 21.97
C TYR D 218 -2.81 6.67 22.00
N ALA D 219 -3.13 7.92 21.66
CA ALA D 219 -2.02 8.86 21.55
C ALA D 219 -2.46 10.25 22.01
N VAL D 220 -1.46 11.09 22.28
CA VAL D 220 -1.61 12.49 22.64
C VAL D 220 -1.10 13.32 21.48
N THR D 221 -1.92 14.25 21.01
CA THR D 221 -1.52 15.21 19.99
C THR D 221 -1.07 16.49 20.70
N ILE D 222 0.11 16.98 20.36
CA ILE D 222 0.67 18.18 20.96
C ILE D 222 0.77 19.24 19.88
N ILE D 223 0.20 20.42 20.14
CA ILE D 223 0.20 21.53 19.20
C ILE D 223 1.07 22.62 19.80
N ASP D 224 2.22 22.87 19.18
CA ASP D 224 3.16 23.91 19.61
C ASP D 224 3.00 25.06 18.64
N GLY D 225 2.46 26.17 19.14
CA GLY D 225 2.19 27.35 18.36
C GLY D 225 3.32 28.34 18.27
N LYS D 226 4.42 28.12 18.99
CA LYS D 226 5.52 29.07 18.99
C LYS D 226 6.15 29.23 17.60
N SER D 227 5.99 28.24 16.73
CA SER D 227 6.46 28.34 15.35
C SER D 227 5.52 29.12 14.44
N ILE D 228 4.33 29.50 14.91
CA ILE D 228 3.32 30.06 14.00
C ILE D 228 3.83 31.34 13.37
N VAL D 229 3.63 31.45 12.06
CA VAL D 229 4.01 32.65 11.32
C VAL D 229 2.85 33.65 11.27
N SER D 230 1.62 33.17 11.09
CA SER D 230 0.46 34.07 11.06
C SER D 230 -0.81 33.26 11.28
N SER D 231 -1.90 33.98 11.57
CA SER D 231 -3.25 33.42 11.58
C SER D 231 -4.23 34.55 11.42
N ASN D 232 -5.48 34.18 11.07
CA ASN D 232 -6.54 35.15 10.91
C ASN D 232 -7.55 35.07 12.05
N VAL D 233 -7.13 34.50 13.19
CA VAL D 233 -8.08 34.21 14.26
C VAL D 233 -8.63 35.49 14.89
N SER D 234 -7.81 36.55 14.97
CA SER D 234 -8.25 37.77 15.64
C SER D 234 -9.29 38.53 14.84
N GLU D 235 -9.34 38.32 13.53
CA GLU D 235 -10.31 38.97 12.66
C GLU D 235 -11.39 38.00 12.18
N LEU D 236 -11.42 36.80 12.75
CA LEU D 236 -12.28 35.77 12.24
C LEU D 236 -13.70 36.01 12.72
N LYS D 237 -14.65 35.91 11.81
CA LYS D 237 -16.05 36.01 12.11
C LYS D 237 -16.63 34.61 12.32
N PRO D 238 -17.78 34.49 12.98
CA PRO D 238 -18.25 33.16 13.42
C PRO D 238 -18.40 32.11 12.33
N ASP D 239 -18.68 32.49 11.09
CA ASP D 239 -18.87 31.51 10.02
C ASP D 239 -17.65 31.40 9.09
N GLU D 240 -16.53 32.02 9.44
CA GLU D 240 -15.38 32.10 8.55
C GLU D 240 -14.34 31.02 8.87
N ILE D 241 -13.58 30.64 7.84
CA ILE D 241 -12.66 29.53 7.94
C ILE D 241 -11.34 30.00 8.53
N LEU D 242 -10.86 29.28 9.54
CA LEU D 242 -9.59 29.59 10.18
C LEU D 242 -8.41 29.38 9.25
N ALA D 243 -7.51 30.35 9.22
CA ALA D 243 -6.26 30.22 8.48
C ALA D 243 -5.11 30.22 9.45
N ILE D 244 -4.13 29.34 9.23
CA ILE D 244 -3.03 29.29 10.18
C ILE D 244 -1.82 28.70 9.46
N ALA D 245 -0.66 29.29 9.72
CA ALA D 245 0.56 28.93 9.01
C ALA D 245 1.67 28.58 9.99
N ASN D 246 2.35 27.46 9.74
CA ASN D 246 3.56 27.03 10.44
C ASN D 246 3.27 26.64 11.89
N VAL D 247 2.25 25.79 12.08
CA VAL D 247 1.96 25.16 13.37
C VAL D 247 2.82 23.90 13.52
N THR D 248 3.39 23.68 14.70
CA THR D 248 4.14 22.44 14.94
C THR D 248 3.22 21.43 15.62
N VAL D 249 3.20 20.18 15.13
CA VAL D 249 2.33 19.14 15.64
C VAL D 249 3.14 17.88 15.95
N HIS D 250 2.90 17.29 17.11
CA HIS D 250 3.50 16.02 17.51
C HIS D 250 2.39 15.03 17.82
N VAL D 251 2.61 13.76 17.51
CA VAL D 251 1.68 12.71 17.91
C VAL D 251 2.50 11.69 18.70
N LEU D 252 2.16 11.51 19.97
CA LEU D 252 2.97 10.69 20.87
C LEU D 252 2.12 9.57 21.44
N PRO D 253 2.44 8.30 21.13
CA PRO D 253 1.74 7.16 21.74
C PRO D 253 2.44 6.75 23.01
N GLU D 254 1.93 5.71 23.67
CA GLU D 254 2.55 5.23 24.88
C GLU D 254 4.02 4.92 24.63
N GLY D 255 4.88 5.27 25.57
CA GLY D 255 6.30 5.09 25.40
C GLY D 255 7.03 6.35 25.01
N TYR D 256 6.31 7.40 24.68
CA TYR D 256 6.88 8.69 24.38
C TYR D 256 6.50 9.69 25.46
N GLY D 257 7.24 10.80 25.48
CA GLY D 257 7.02 11.88 26.41
C GLY D 257 7.36 13.22 25.81
N PHE D 258 7.41 14.26 26.64
CA PHE D 258 7.58 15.63 26.16
C PHE D 258 8.20 16.47 27.25
N ASP D 259 9.22 17.26 26.89
CA ASP D 259 9.83 18.22 27.81
C ASP D 259 9.13 19.54 27.58
N MET D 260 8.36 20.01 28.57
CA MET D 260 7.59 21.23 28.35
C MET D 260 8.43 22.49 28.49
N LYS D 261 9.65 22.39 29.02
CA LYS D 261 10.49 23.58 29.14
C LYS D 261 11.18 23.91 27.83
N ARG D 262 11.62 22.88 27.11
CA ARG D 262 12.28 23.03 25.83
C ARG D 262 11.35 22.75 24.66
N ARG D 263 10.13 22.26 24.94
CA ARG D 263 9.16 21.87 23.92
C ARG D 263 9.73 20.79 23.01
N GLU D 264 10.38 19.78 23.60
CA GLU D 264 11.00 18.70 22.84
C GLU D 264 10.38 17.35 23.16
N VAL D 265 10.25 16.51 22.12
CA VAL D 265 9.70 15.17 22.25
C VAL D 265 10.77 14.23 22.78
N LEU D 266 10.39 13.35 23.70
CA LEU D 266 11.29 12.38 24.29
C LEU D 266 10.86 10.97 23.89
N ARG D 267 11.83 10.08 23.74
CA ARG D 267 11.51 8.66 23.70
C ARG D 267 12.03 8.01 24.96
N LEU D 268 11.22 7.12 25.53
CA LEU D 268 11.53 6.54 26.84
C LEU D 268 11.39 5.01 26.85
#